data_1EZ9
#
_entry.id   1EZ9
#
_cell.length_a   51.745
_cell.length_b   57.900
_cell.length_c   64.594
_cell.angle_alpha   89.31
_cell.angle_beta   81.78
_cell.angle_gamma   71.97
#
_symmetry.space_group_name_H-M   'P 1'
#
loop_
_entity.id
_entity.type
_entity.pdbx_description
1 polymer 'MALTOSE-BINDING PERIPLASMIC PROTEIN'
2 branched alpha-D-glucopyranose-(1-4)-alpha-D-glucopyranose-(1-4)-alpha-D-glucopyranose-(1-4)-D-glucose
3 water water
#
_entity_poly.entity_id   1
_entity_poly.type   'polypeptide(L)'
_entity_poly.pdbx_seq_one_letter_code
;KIEEGKLVIWINGDKGYNGLAEVGKKFEKDTGIKVTVEHPDKLEEKFPQVAATGDGPDIIFWAHDRFGGYAQSGLLAEIT
PDKAFQDKLYPFTWDAVRYNGKLIAYPIAVEALSLIYNKDLLPNPPKTWEEIPALDKELKAKGKSALMFNLQEPYFTWPL
IAADGGYAFKYENGKYDIKDVGVDNAGAKAGLTFLVDLIKNKHMNADTDYSIAEAAFNKGETAMTINGPWAWSNIDTSKV
NYGVTVLPTFKGQPSKPFVGVLSAGINAASPNKELAKEFLENYLLTDEGLEAVNKDKPLGAVALKSYEEELAKDPRIAAT
MENAQKGEIMPNIPQMSAFWYAVRTAVINAASGRQTVDEALKDAQTRITK
;
_entity_poly.pdbx_strand_id   A,B
#
loop_
_chem_comp.id
_chem_comp.type
_chem_comp.name
_chem_comp.formula
GLC D-saccharide, alpha linking alpha-D-glucopyranose 'C6 H12 O6'
GLO D-saccharide D-glucose 'C6 H12 O6'
#
# COMPACT_ATOMS: atom_id res chain seq x y z
N LYS A 1 36.07 8.21 -36.22
CA LYS A 1 36.47 7.59 -34.92
C LYS A 1 35.96 8.39 -33.73
N ILE A 2 36.06 7.78 -32.55
CA ILE A 2 35.62 8.41 -31.30
C ILE A 2 36.82 9.12 -30.67
N GLU A 3 36.64 10.36 -30.22
CA GLU A 3 37.76 11.09 -29.64
C GLU A 3 38.17 10.56 -28.26
N GLU A 4 39.48 10.46 -28.05
CA GLU A 4 40.05 9.96 -26.81
C GLU A 4 40.15 11.06 -25.76
N GLY A 5 40.06 10.68 -24.49
CA GLY A 5 40.19 11.66 -23.42
C GLY A 5 38.93 12.20 -22.78
N LYS A 6 37.76 11.80 -23.28
CA LYS A 6 36.50 12.26 -22.72
C LYS A 6 35.45 11.19 -22.90
N LEU A 7 34.24 11.46 -22.42
CA LEU A 7 33.15 10.52 -22.56
C LEU A 7 31.92 11.21 -23.14
N VAL A 8 31.35 10.58 -24.16
CA VAL A 8 30.14 11.05 -24.81
C VAL A 8 29.10 10.00 -24.48
N ILE A 9 27.97 10.42 -23.93
CA ILE A 9 26.93 9.46 -23.55
C ILE A 9 25.60 9.69 -24.22
N TRP A 10 24.96 8.59 -24.59
CA TRP A 10 23.65 8.65 -25.22
C TRP A 10 22.61 7.99 -24.32
N ILE A 11 21.54 8.73 -24.05
CA ILE A 11 20.45 8.22 -23.24
C ILE A 11 19.19 8.82 -23.86
N ASN A 12 18.08 8.08 -23.84
CA ASN A 12 16.84 8.57 -24.45
C ASN A 12 16.31 9.84 -23.81
N GLY A 13 15.59 10.63 -24.61
CA GLY A 13 15.04 11.89 -24.16
C GLY A 13 13.97 11.83 -23.06
N ASP A 14 13.48 10.63 -22.76
CA ASP A 14 12.47 10.51 -21.71
C ASP A 14 13.09 10.10 -20.36
N LYS A 15 14.43 10.02 -20.34
CA LYS A 15 15.16 9.65 -19.12
C LYS A 15 15.79 10.88 -18.46
N GLY A 16 16.33 10.72 -17.27
CA GLY A 16 16.92 11.84 -16.54
C GLY A 16 18.30 12.27 -17.00
N TYR A 17 18.40 12.72 -18.26
CA TYR A 17 19.70 13.13 -18.80
C TYR A 17 20.32 14.34 -18.11
N ASN A 18 19.50 15.19 -17.50
CA ASN A 18 20.02 16.35 -16.81
C ASN A 18 20.68 15.85 -15.52
N GLY A 19 20.05 14.87 -14.88
CA GLY A 19 20.61 14.30 -13.67
C GLY A 19 21.87 13.53 -14.02
N LEU A 20 21.85 12.84 -15.16
CA LEU A 20 23.03 12.08 -15.59
C LEU A 20 24.18 13.07 -15.84
N ALA A 21 23.86 14.22 -16.44
CA ALA A 21 24.87 15.23 -16.71
C ALA A 21 25.54 15.70 -15.41
N GLU A 22 24.76 15.77 -14.34
CA GLU A 22 25.31 16.20 -13.06
C GLU A 22 26.29 15.17 -12.51
N VAL A 23 26.05 13.89 -12.77
CA VAL A 23 26.97 12.86 -12.31
C VAL A 23 28.25 13.03 -13.13
N GLY A 24 28.07 13.37 -14.41
CA GLY A 24 29.21 13.59 -15.29
C GLY A 24 30.01 14.81 -14.87
N LYS A 25 29.33 15.77 -14.25
CA LYS A 25 29.96 17.01 -13.79
C LYS A 25 30.82 16.66 -12.58
N LYS A 26 30.32 15.74 -11.76
CA LYS A 26 31.00 15.26 -10.58
C LYS A 26 32.27 14.54 -11.06
N PHE A 27 32.12 13.74 -12.11
CA PHE A 27 33.23 12.99 -12.68
C PHE A 27 34.32 13.97 -13.11
N GLU A 28 33.93 15.07 -13.74
CA GLU A 28 34.88 16.07 -14.21
C GLU A 28 35.55 16.79 -13.05
N LYS A 29 34.81 17.04 -11.99
CA LYS A 29 35.36 17.71 -10.82
C LYS A 29 36.45 16.85 -10.18
N ASP A 30 36.19 15.55 -10.08
CA ASP A 30 37.14 14.63 -9.45
C ASP A 30 38.28 14.14 -10.34
N THR A 31 38.05 14.01 -11.64
CA THR A 31 39.08 13.50 -12.54
C THR A 31 39.53 14.47 -13.61
N GLY A 32 38.78 15.54 -13.82
CA GLY A 32 39.13 16.49 -14.86
C GLY A 32 38.70 16.01 -16.23
N ILE A 33 38.07 14.84 -16.28
CA ILE A 33 37.60 14.25 -17.54
C ILE A 33 36.18 14.75 -17.85
N LYS A 34 36.04 15.35 -19.03
CA LYS A 34 34.75 15.89 -19.44
C LYS A 34 33.78 14.85 -19.97
N VAL A 35 32.51 14.97 -19.54
CA VAL A 35 31.46 14.06 -19.96
C VAL A 35 30.35 14.83 -20.66
N THR A 36 29.92 14.33 -21.81
CA THR A 36 28.86 14.96 -22.58
C THR A 36 27.68 14.01 -22.77
N VAL A 37 26.53 14.38 -22.24
CA VAL A 37 25.33 13.56 -22.39
C VAL A 37 24.50 14.12 -23.55
N GLU A 38 24.01 13.24 -24.40
CA GLU A 38 23.19 13.66 -25.54
C GLU A 38 22.00 12.72 -25.61
N HIS A 39 20.91 13.20 -26.20
CA HIS A 39 19.72 12.39 -26.36
C HIS A 39 19.11 12.60 -27.74
N PRO A 40 19.82 12.18 -28.79
CA PRO A 40 19.33 12.32 -30.16
C PRO A 40 18.07 11.52 -30.42
N ASP A 41 17.30 11.92 -31.44
CA ASP A 41 16.08 11.22 -31.79
C ASP A 41 16.45 9.84 -32.33
N LYS A 42 15.61 8.85 -32.06
CA LYS A 42 15.84 7.48 -32.53
C LYS A 42 17.30 7.08 -32.36
N LEU A 43 17.83 7.25 -31.15
CA LEU A 43 19.22 6.92 -30.88
C LEU A 43 19.50 5.42 -31.01
N GLU A 44 18.52 4.58 -30.70
CA GLU A 44 18.70 3.14 -30.80
C GLU A 44 18.71 2.63 -32.23
N GLU A 45 18.40 3.51 -33.17
CA GLU A 45 18.40 3.17 -34.59
C GLU A 45 19.67 3.73 -35.20
N LYS A 46 20.16 4.82 -34.60
CA LYS A 46 21.37 5.48 -35.07
C LYS A 46 22.63 4.83 -34.53
N PHE A 47 22.53 4.26 -33.33
CA PHE A 47 23.70 3.62 -32.74
C PHE A 47 24.31 2.55 -33.64
N PRO A 48 23.50 1.60 -34.14
CA PRO A 48 24.04 0.56 -35.00
C PRO A 48 24.71 1.13 -36.26
N GLN A 49 24.16 2.23 -36.76
CA GLN A 49 24.68 2.89 -37.95
C GLN A 49 26.06 3.50 -37.71
N VAL A 50 26.14 4.41 -36.75
CA VAL A 50 27.41 5.06 -36.45
C VAL A 50 28.44 4.14 -35.81
N ALA A 51 27.98 3.24 -34.94
CA ALA A 51 28.90 2.29 -34.29
C ALA A 51 29.59 1.40 -35.33
N ALA A 52 28.88 1.09 -36.41
CA ALA A 52 29.42 0.23 -37.47
C ALA A 52 30.61 0.87 -38.19
N THR A 53 30.71 2.19 -38.11
CA THR A 53 31.81 2.90 -38.74
C THR A 53 32.86 3.34 -37.72
N GLY A 54 32.82 2.73 -36.54
CA GLY A 54 33.77 3.08 -35.50
C GLY A 54 33.46 4.42 -34.85
N ASP A 55 32.22 4.87 -34.98
CA ASP A 55 31.79 6.15 -34.41
C ASP A 55 30.69 5.97 -33.37
N GLY A 56 30.15 7.08 -32.89
CA GLY A 56 29.08 7.01 -31.90
C GLY A 56 29.54 7.40 -30.50
N PRO A 57 28.68 7.21 -29.49
CA PRO A 57 29.02 7.55 -28.10
C PRO A 57 29.90 6.48 -27.47
N ASP A 58 30.56 6.85 -26.38
CA ASP A 58 31.42 5.92 -25.65
C ASP A 58 30.50 4.96 -24.89
N ILE A 59 29.37 5.50 -24.42
CA ILE A 59 28.39 4.74 -23.65
C ILE A 59 26.97 4.97 -24.15
N ILE A 60 26.18 3.90 -24.21
CA ILE A 60 24.79 4.02 -24.65
C ILE A 60 23.87 3.38 -23.63
N PHE A 61 22.76 4.06 -23.34
CA PHE A 61 21.78 3.55 -22.39
C PHE A 61 20.53 3.10 -23.16
N TRP A 62 20.02 1.91 -22.84
CA TRP A 62 18.81 1.38 -23.48
C TRP A 62 18.40 0.06 -22.84
N ALA A 63 17.13 -0.31 -23.00
CA ALA A 63 16.63 -1.59 -22.48
C ALA A 63 17.55 -2.68 -22.99
N HIS A 64 17.82 -3.68 -22.15
CA HIS A 64 18.73 -4.77 -22.53
C HIS A 64 18.32 -5.59 -23.75
N ASP A 65 17.02 -5.71 -24.03
CA ASP A 65 16.61 -6.53 -25.17
C ASP A 65 17.07 -6.03 -26.53
N ARG A 66 17.53 -4.79 -26.58
CA ARG A 66 18.00 -4.21 -27.82
C ARG A 66 19.50 -4.45 -27.95
N PHE A 67 20.15 -4.71 -26.83
CA PHE A 67 21.60 -4.96 -26.79
C PHE A 67 22.01 -6.29 -27.39
N GLY A 68 21.06 -7.19 -27.54
CA GLY A 68 21.36 -8.49 -28.12
C GLY A 68 21.74 -8.24 -29.57
N GLY A 69 20.96 -7.41 -30.24
CA GLY A 69 21.24 -7.08 -31.63
C GLY A 69 22.57 -6.38 -31.77
N TYR A 70 22.84 -5.41 -30.90
CA TYR A 70 24.10 -4.68 -30.95
C TYR A 70 25.30 -5.61 -30.73
N ALA A 71 25.22 -6.48 -29.72
CA ALA A 71 26.31 -7.39 -29.43
C ALA A 71 26.51 -8.41 -30.55
N GLN A 72 25.43 -8.71 -31.26
CA GLN A 72 25.49 -9.66 -32.37
C GLN A 72 26.39 -9.13 -33.48
N SER A 73 26.44 -7.81 -33.63
CA SER A 73 27.28 -7.18 -34.65
C SER A 73 28.59 -6.72 -34.03
N GLY A 74 28.86 -7.18 -32.81
CA GLY A 74 30.08 -6.81 -32.11
C GLY A 74 30.21 -5.31 -31.89
N LEU A 75 29.10 -4.66 -31.55
CA LEU A 75 29.08 -3.21 -31.33
C LEU A 75 29.35 -2.80 -29.88
N LEU A 76 29.33 -3.78 -28.98
CA LEU A 76 29.56 -3.49 -27.57
C LEU A 76 30.77 -4.23 -27.04
N ALA A 77 31.55 -3.56 -26.21
CA ALA A 77 32.74 -4.16 -25.63
C ALA A 77 32.33 -4.99 -24.41
N GLU A 78 33.08 -6.06 -24.14
CA GLU A 78 32.78 -6.90 -22.98
C GLU A 78 33.22 -6.11 -21.74
N ILE A 79 32.38 -6.09 -20.71
CA ILE A 79 32.73 -5.37 -19.49
C ILE A 79 33.39 -6.27 -18.45
N THR A 80 34.17 -5.66 -17.56
CA THR A 80 34.93 -6.39 -16.55
C THR A 80 34.67 -6.13 -15.06
N PRO A 81 33.40 -6.06 -14.65
CA PRO A 81 33.18 -5.83 -13.21
C PRO A 81 33.63 -7.07 -12.44
N ASP A 82 34.31 -6.89 -11.31
CA ASP A 82 34.74 -8.06 -10.56
C ASP A 82 33.58 -8.62 -9.74
N LYS A 83 33.82 -9.77 -9.10
CA LYS A 83 32.81 -10.42 -8.28
C LYS A 83 32.22 -9.51 -7.22
N ALA A 84 33.08 -8.75 -6.56
CA ALA A 84 32.65 -7.84 -5.52
C ALA A 84 31.63 -6.84 -6.05
N PHE A 85 31.90 -6.25 -7.22
CA PHE A 85 30.96 -5.29 -7.77
C PHE A 85 29.67 -5.93 -8.27
N GLN A 86 29.77 -7.15 -8.80
CA GLN A 86 28.57 -7.83 -9.28
C GLN A 86 27.61 -8.11 -8.12
N ASP A 87 28.14 -8.38 -6.94
CA ASP A 87 27.31 -8.66 -5.78
C ASP A 87 26.56 -7.43 -5.27
N LYS A 88 26.91 -6.26 -5.79
CA LYS A 88 26.24 -5.03 -5.39
C LYS A 88 24.89 -4.89 -6.10
N LEU A 89 24.67 -5.72 -7.12
CA LEU A 89 23.42 -5.69 -7.87
C LEU A 89 22.65 -7.00 -7.72
N TYR A 90 21.34 -6.95 -7.93
CA TYR A 90 20.51 -8.15 -7.83
C TYR A 90 21.01 -9.14 -8.87
N PRO A 91 21.34 -10.37 -8.45
CA PRO A 91 21.83 -11.40 -9.37
C PRO A 91 21.11 -11.59 -10.70
N PHE A 92 19.79 -11.54 -10.73
CA PHE A 92 19.07 -11.74 -11.99
C PHE A 92 19.29 -10.66 -13.04
N THR A 93 19.71 -9.47 -12.61
CA THR A 93 19.91 -8.40 -13.57
C THR A 93 21.15 -8.66 -14.43
N TRP A 94 22.13 -9.38 -13.88
CA TRP A 94 23.32 -9.67 -14.66
C TRP A 94 23.01 -10.59 -15.83
N ASP A 95 22.01 -11.45 -15.65
CA ASP A 95 21.63 -12.37 -16.72
C ASP A 95 21.04 -11.62 -17.91
N ALA A 96 20.42 -10.47 -17.65
CA ALA A 96 19.82 -9.69 -18.72
C ALA A 96 20.86 -9.06 -19.64
N VAL A 97 22.09 -8.93 -19.16
CA VAL A 97 23.15 -8.31 -19.95
C VAL A 97 24.28 -9.24 -20.38
N ARG A 98 24.00 -10.53 -20.52
CA ARG A 98 25.01 -11.48 -20.94
C ARG A 98 24.62 -12.01 -22.32
N TYR A 99 25.56 -12.03 -23.25
CA TYR A 99 25.22 -12.54 -24.58
C TYR A 99 25.75 -13.97 -24.77
N ASN A 100 26.85 -14.12 -25.50
CA ASN A 100 27.41 -15.46 -25.69
C ASN A 100 28.23 -15.81 -24.46
N GLY A 101 27.59 -15.76 -23.30
CA GLY A 101 28.27 -16.06 -22.05
C GLY A 101 29.07 -14.89 -21.53
N LYS A 102 29.14 -13.82 -22.32
CA LYS A 102 29.91 -12.63 -21.93
C LYS A 102 29.04 -11.47 -21.46
N LEU A 103 29.52 -10.74 -20.46
CA LEU A 103 28.79 -9.58 -19.96
C LEU A 103 29.06 -8.45 -20.95
N ILE A 104 28.00 -7.82 -21.46
CA ILE A 104 28.19 -6.73 -22.41
C ILE A 104 27.54 -5.41 -22.00
N ALA A 105 27.17 -5.28 -20.72
CA ALA A 105 26.56 -4.05 -20.25
C ALA A 105 26.28 -4.01 -18.74
N TYR A 106 26.10 -2.80 -18.23
CA TYR A 106 25.83 -2.61 -16.82
C TYR A 106 24.35 -2.35 -16.54
N PRO A 107 23.71 -3.21 -15.72
CA PRO A 107 22.28 -3.05 -15.39
C PRO A 107 22.14 -1.74 -14.62
N ILE A 108 21.12 -0.95 -14.95
CA ILE A 108 20.87 0.32 -14.30
C ILE A 108 19.52 0.32 -13.59
N ALA A 109 18.46 0.10 -14.36
CA ALA A 109 17.11 0.06 -13.79
C ALA A 109 16.42 -1.23 -14.16
N VAL A 110 15.35 -1.52 -13.43
CA VAL A 110 14.57 -2.73 -13.64
C VAL A 110 13.08 -2.39 -13.73
N GLU A 111 12.41 -2.88 -14.75
CA GLU A 111 10.98 -2.60 -14.89
C GLU A 111 10.18 -3.83 -15.24
N ALA A 112 8.93 -3.84 -14.78
CA ALA A 112 8.02 -4.94 -15.05
C ALA A 112 6.61 -4.44 -14.82
N LEU A 113 5.64 -5.06 -15.48
CA LEU A 113 4.24 -4.67 -15.32
C LEU A 113 3.78 -5.00 -13.90
N SER A 114 2.83 -4.21 -13.41
CA SER A 114 2.27 -4.43 -12.08
C SER A 114 0.75 -4.27 -12.18
N LEU A 115 0.05 -4.65 -11.12
CA LEU A 115 -1.40 -4.48 -11.08
C LEU A 115 -1.65 -3.12 -10.45
N ILE A 116 -2.31 -2.24 -11.20
CA ILE A 116 -2.62 -0.90 -10.70
C ILE A 116 -4.11 -0.87 -10.39
N TYR A 117 -4.45 -0.41 -9.19
CA TYR A 117 -5.85 -0.38 -8.80
C TYR A 117 -6.30 0.93 -8.18
N ASN A 118 -7.60 1.17 -8.27
CA ASN A 118 -8.26 2.36 -7.73
C ASN A 118 -8.69 2.05 -6.29
N LYS A 119 -8.01 2.64 -5.31
CA LYS A 119 -8.29 2.39 -3.91
C LYS A 119 -9.70 2.78 -3.47
N ASP A 120 -10.30 3.76 -4.13
CA ASP A 120 -11.66 4.18 -3.77
C ASP A 120 -12.72 3.19 -4.24
N LEU A 121 -12.52 2.62 -5.43
CA LEU A 121 -13.48 1.65 -5.96
C LEU A 121 -13.17 0.23 -5.50
N LEU A 122 -11.90 -0.01 -5.25
CA LEU A 122 -11.43 -1.34 -4.86
C LEU A 122 -10.34 -1.28 -3.80
N PRO A 123 -10.73 -1.09 -2.52
CA PRO A 123 -9.75 -1.03 -1.44
C PRO A 123 -9.03 -2.37 -1.21
N ASN A 124 -9.66 -3.45 -1.65
CA ASN A 124 -9.10 -4.79 -1.49
C ASN A 124 -8.97 -5.49 -2.85
N PRO A 125 -7.90 -5.22 -3.60
CA PRO A 125 -7.71 -5.86 -4.90
C PRO A 125 -7.60 -7.38 -4.83
N PRO A 126 -8.06 -8.07 -5.89
CA PRO A 126 -8.01 -9.54 -5.97
C PRO A 126 -6.60 -10.09 -6.03
N LYS A 127 -6.36 -11.17 -5.30
CA LYS A 127 -5.04 -11.80 -5.30
C LYS A 127 -4.96 -12.87 -6.39
N THR A 128 -6.09 -13.17 -7.02
CA THR A 128 -6.11 -14.19 -8.09
C THR A 128 -6.87 -13.72 -9.33
N TRP A 129 -6.50 -14.25 -10.49
CA TRP A 129 -7.17 -13.89 -11.74
C TRP A 129 -8.58 -14.48 -11.72
N GLU A 130 -8.71 -15.66 -11.13
CA GLU A 130 -10.00 -16.36 -11.06
C GLU A 130 -11.17 -15.58 -10.47
N GLU A 131 -10.91 -14.69 -9.52
CA GLU A 131 -12.00 -13.95 -8.89
C GLU A 131 -12.40 -12.66 -9.59
N ILE A 132 -11.75 -12.34 -10.70
CA ILE A 132 -12.08 -11.12 -11.43
C ILE A 132 -13.46 -11.17 -12.10
N PRO A 133 -13.84 -12.30 -12.72
CA PRO A 133 -15.17 -12.35 -13.36
C PRO A 133 -16.28 -11.93 -12.40
N ALA A 134 -16.25 -12.49 -11.19
CA ALA A 134 -17.26 -12.19 -10.17
C ALA A 134 -17.15 -10.74 -9.71
N LEU A 135 -15.92 -10.26 -9.59
CA LEU A 135 -15.70 -8.88 -9.16
C LEU A 135 -16.24 -7.92 -10.23
N ASP A 136 -16.08 -8.29 -11.49
CA ASP A 136 -16.56 -7.46 -12.59
C ASP A 136 -18.07 -7.35 -12.53
N LYS A 137 -18.73 -8.47 -12.25
CA LYS A 137 -20.19 -8.50 -12.17
C LYS A 137 -20.74 -7.58 -11.08
N GLU A 138 -20.13 -7.59 -9.90
CA GLU A 138 -20.62 -6.73 -8.84
C GLU A 138 -20.29 -5.26 -9.10
N LEU A 139 -19.17 -5.00 -9.79
CA LEU A 139 -18.81 -3.62 -10.10
C LEU A 139 -19.71 -3.06 -11.20
N LYS A 140 -20.19 -3.93 -12.09
CA LYS A 140 -21.08 -3.51 -13.16
C LYS A 140 -22.42 -3.04 -12.58
N ALA A 141 -22.88 -3.74 -11.54
CA ALA A 141 -24.14 -3.40 -10.90
C ALA A 141 -23.99 -2.08 -10.17
N LYS A 142 -22.76 -1.56 -10.20
CA LYS A 142 -22.40 -0.32 -9.55
C LYS A 142 -22.09 0.74 -10.61
N GLY A 143 -22.10 0.32 -11.87
CA GLY A 143 -21.81 1.24 -12.95
C GLY A 143 -20.33 1.35 -13.33
N LYS A 144 -19.51 0.40 -12.90
CA LYS A 144 -18.08 0.41 -13.22
C LYS A 144 -17.68 -0.98 -13.68
N SER A 145 -16.41 -1.15 -14.05
CA SER A 145 -15.92 -2.46 -14.49
C SER A 145 -14.68 -2.79 -13.67
N ALA A 146 -14.31 -4.06 -13.68
CA ALA A 146 -13.17 -4.52 -12.91
C ALA A 146 -11.80 -4.25 -13.50
N LEU A 147 -11.59 -4.67 -14.75
CA LEU A 147 -10.27 -4.58 -15.36
C LEU A 147 -10.22 -4.17 -16.83
N MET A 148 -9.24 -3.33 -17.17
CA MET A 148 -9.01 -2.89 -18.53
C MET A 148 -7.53 -2.63 -18.75
N PHE A 149 -6.94 -3.36 -19.70
CA PHE A 149 -5.53 -3.17 -20.03
C PHE A 149 -5.29 -3.47 -21.50
N ASN A 150 -4.15 -2.97 -22.00
CA ASN A 150 -3.78 -3.14 -23.41
C ASN A 150 -3.70 -4.61 -23.80
N LEU A 151 -4.55 -5.02 -24.74
CA LEU A 151 -4.55 -6.40 -25.20
C LEU A 151 -3.94 -6.57 -26.59
N GLN A 152 -3.45 -5.46 -27.16
CA GLN A 152 -2.88 -5.48 -28.51
C GLN A 152 -1.42 -5.95 -28.59
N GLU A 153 -0.70 -5.84 -27.47
CA GLU A 153 0.71 -6.24 -27.44
C GLU A 153 0.95 -7.47 -26.58
N PRO A 154 1.60 -8.52 -27.13
CA PRO A 154 1.86 -9.73 -26.35
C PRO A 154 2.60 -9.48 -25.04
N TYR A 155 3.32 -8.36 -24.97
CA TYR A 155 4.05 -7.99 -23.76
C TYR A 155 3.06 -7.83 -22.59
N PHE A 156 1.87 -7.32 -22.87
CA PHE A 156 0.85 -7.10 -21.84
C PHE A 156 0.01 -8.34 -21.47
N THR A 157 -0.20 -9.24 -22.42
CA THR A 157 -0.99 -10.43 -22.17
C THR A 157 -0.19 -11.63 -21.65
N TRP A 158 1.11 -11.63 -21.92
CA TRP A 158 1.99 -12.71 -21.51
C TRP A 158 1.98 -13.04 -20.01
N PRO A 159 1.90 -12.03 -19.12
CA PRO A 159 1.89 -12.31 -17.69
C PRO A 159 0.89 -13.41 -17.31
N LEU A 160 -0.30 -13.33 -17.89
CA LEU A 160 -1.36 -14.29 -17.63
C LEU A 160 -1.09 -15.58 -18.39
N ILE A 161 -0.85 -15.44 -19.69
CA ILE A 161 -0.58 -16.58 -20.55
C ILE A 161 0.51 -17.48 -19.99
N ALA A 162 1.61 -16.88 -19.55
CA ALA A 162 2.76 -17.63 -19.02
C ALA A 162 2.69 -18.03 -17.55
N ALA A 163 1.72 -17.50 -16.82
CA ALA A 163 1.59 -17.79 -15.39
C ALA A 163 1.74 -19.26 -14.99
N ASP A 164 1.02 -20.15 -15.67
CA ASP A 164 1.05 -21.57 -15.32
C ASP A 164 2.11 -22.44 -16.03
N GLY A 165 3.25 -21.84 -16.38
CA GLY A 165 4.29 -22.61 -17.01
C GLY A 165 4.76 -22.19 -18.38
N GLY A 166 4.21 -21.10 -18.89
CA GLY A 166 4.62 -20.64 -20.21
C GLY A 166 5.97 -19.94 -20.15
N TYR A 167 6.69 -19.95 -21.26
CA TYR A 167 7.97 -19.27 -21.38
C TYR A 167 8.31 -19.08 -22.85
N ALA A 168 9.21 -18.14 -23.14
CA ALA A 168 9.61 -17.87 -24.51
C ALA A 168 10.68 -18.87 -24.95
N PHE A 169 11.83 -18.84 -24.28
CA PHE A 169 12.92 -19.77 -24.58
C PHE A 169 13.53 -20.25 -23.27
N LYS A 170 13.79 -21.55 -23.19
CA LYS A 170 14.38 -22.14 -21.98
C LYS A 170 15.83 -21.65 -21.84
N TYR A 171 16.20 -21.25 -20.62
CA TYR A 171 17.55 -20.78 -20.38
C TYR A 171 18.27 -21.59 -19.30
N GLU A 172 19.22 -22.41 -19.72
CA GLU A 172 19.99 -23.24 -18.80
C GLU A 172 21.43 -23.39 -19.26
N ASN A 173 21.61 -23.98 -20.44
CA ASN A 173 22.93 -24.19 -21.03
C ASN A 173 23.67 -22.88 -21.24
N GLY A 174 23.88 -22.14 -20.16
CA GLY A 174 24.57 -20.86 -20.27
C GLY A 174 23.69 -19.84 -20.97
N LYS A 175 23.01 -20.28 -22.02
CA LYS A 175 22.13 -19.40 -22.78
C LYS A 175 20.81 -20.07 -23.18
N TYR A 176 20.12 -19.47 -24.14
CA TYR A 176 18.82 -19.94 -24.61
C TYR A 176 18.78 -21.08 -25.63
N ASP A 177 17.98 -22.10 -25.32
CA ASP A 177 17.80 -23.23 -26.23
C ASP A 177 16.67 -22.78 -27.16
N ILE A 178 17.00 -22.42 -28.39
CA ILE A 178 15.99 -21.94 -29.33
C ILE A 178 14.97 -22.96 -29.81
N LYS A 179 15.17 -24.23 -29.48
CA LYS A 179 14.22 -25.27 -29.88
C LYS A 179 13.30 -25.63 -28.72
N ASP A 180 13.63 -25.14 -27.53
CA ASP A 180 12.82 -25.40 -26.35
C ASP A 180 11.98 -24.16 -26.02
N VAL A 181 10.80 -24.09 -26.63
CA VAL A 181 9.87 -22.96 -26.44
C VAL A 181 8.61 -23.41 -25.70
N GLY A 182 8.11 -22.55 -24.82
CA GLY A 182 6.92 -22.86 -24.04
C GLY A 182 5.69 -22.00 -24.29
N VAL A 183 5.18 -22.04 -25.51
CA VAL A 183 4.00 -21.26 -25.86
C VAL A 183 2.86 -22.24 -26.19
N ASP A 184 3.25 -23.48 -26.42
CA ASP A 184 2.34 -24.56 -26.79
C ASP A 184 1.94 -25.46 -25.63
N ASN A 185 2.63 -25.36 -24.50
CA ASN A 185 2.32 -26.22 -23.38
C ASN A 185 0.98 -25.96 -22.68
N ALA A 186 0.60 -26.89 -21.81
CA ALA A 186 -0.65 -26.83 -21.07
C ALA A 186 -0.87 -25.51 -20.35
N GLY A 187 0.18 -25.03 -19.69
CA GLY A 187 0.10 -23.78 -18.94
C GLY A 187 -0.31 -22.60 -19.79
N ALA A 188 0.32 -22.44 -20.95
CA ALA A 188 -0.01 -21.34 -21.85
C ALA A 188 -1.45 -21.48 -22.35
N LYS A 189 -1.82 -22.68 -22.77
CA LYS A 189 -3.18 -22.91 -23.26
C LYS A 189 -4.20 -22.53 -22.19
N ALA A 190 -3.89 -22.87 -20.94
CA ALA A 190 -4.77 -22.55 -19.82
C ALA A 190 -4.86 -21.04 -19.63
N GLY A 191 -3.71 -20.38 -19.68
CA GLY A 191 -3.67 -18.94 -19.50
C GLY A 191 -4.41 -18.22 -20.61
N LEU A 192 -4.11 -18.57 -21.86
CA LEU A 192 -4.77 -17.90 -22.99
C LEU A 192 -6.25 -18.20 -23.03
N THR A 193 -6.66 -19.37 -22.51
CA THR A 193 -8.06 -19.72 -22.49
C THR A 193 -8.80 -18.82 -21.50
N PHE A 194 -8.23 -18.63 -20.31
CA PHE A 194 -8.85 -17.77 -19.32
C PHE A 194 -8.95 -16.34 -19.87
N LEU A 195 -7.91 -15.90 -20.58
CA LEU A 195 -7.89 -14.56 -21.15
C LEU A 195 -9.03 -14.43 -22.17
N VAL A 196 -9.10 -15.37 -23.10
CA VAL A 196 -10.13 -15.36 -24.13
C VAL A 196 -11.54 -15.41 -23.52
N ASP A 197 -11.70 -16.18 -22.46
CA ASP A 197 -13.00 -16.29 -21.81
C ASP A 197 -13.43 -14.96 -21.20
N LEU A 198 -12.48 -14.21 -20.67
CA LEU A 198 -12.79 -12.90 -20.09
C LEU A 198 -13.36 -11.99 -21.19
N ILE A 199 -12.87 -12.18 -22.40
CA ILE A 199 -13.35 -11.39 -23.53
C ILE A 199 -14.73 -11.89 -23.95
N LYS A 200 -14.86 -13.20 -24.09
CA LYS A 200 -16.14 -13.79 -24.49
C LYS A 200 -17.25 -13.48 -23.51
N ASN A 201 -16.90 -13.47 -22.22
CA ASN A 201 -17.87 -13.21 -21.17
C ASN A 201 -18.04 -11.72 -20.93
N LYS A 202 -17.44 -10.94 -21.81
CA LYS A 202 -17.51 -9.48 -21.79
C LYS A 202 -17.01 -8.79 -20.52
N HIS A 203 -15.88 -9.26 -20.02
CA HIS A 203 -15.27 -8.67 -18.85
C HIS A 203 -14.14 -7.81 -19.41
N MET A 204 -13.85 -8.04 -20.69
CA MET A 204 -12.84 -7.29 -21.43
C MET A 204 -13.22 -7.25 -22.91
N ASN A 205 -12.67 -6.29 -23.63
CA ASN A 205 -12.97 -6.11 -25.05
C ASN A 205 -11.69 -6.35 -25.86
N ALA A 206 -11.77 -7.23 -26.85
CA ALA A 206 -10.63 -7.57 -27.70
C ALA A 206 -9.94 -6.36 -28.35
N ASP A 207 -10.65 -5.25 -28.49
CA ASP A 207 -10.09 -4.07 -29.13
C ASP A 207 -9.37 -3.09 -28.21
N THR A 208 -9.51 -3.26 -26.90
CA THR A 208 -8.88 -2.34 -25.96
C THR A 208 -7.37 -2.24 -26.19
N ASP A 209 -6.87 -1.02 -26.24
CA ASP A 209 -5.45 -0.79 -26.45
C ASP A 209 -4.86 0.08 -25.35
N TYR A 210 -3.64 0.53 -25.53
CA TYR A 210 -3.01 1.33 -24.49
C TYR A 210 -3.79 2.61 -24.11
N SER A 211 -4.13 3.42 -25.10
CA SER A 211 -4.85 4.67 -24.82
C SER A 211 -6.24 4.45 -24.25
N ILE A 212 -6.95 3.47 -24.76
CA ILE A 212 -8.31 3.20 -24.25
C ILE A 212 -8.30 2.79 -22.78
N ALA A 213 -7.40 1.89 -22.41
CA ALA A 213 -7.31 1.42 -21.02
C ALA A 213 -6.81 2.51 -20.07
N GLU A 214 -5.83 3.28 -20.52
CA GLU A 214 -5.28 4.35 -19.69
C GLU A 214 -6.34 5.38 -19.37
N ALA A 215 -7.08 5.80 -20.38
CA ALA A 215 -8.13 6.80 -20.22
C ALA A 215 -9.22 6.31 -19.26
N ALA A 216 -9.58 5.04 -19.38
CA ALA A 216 -10.60 4.44 -18.53
C ALA A 216 -10.19 4.46 -17.06
N PHE A 217 -8.97 4.02 -16.77
CA PHE A 217 -8.52 4.01 -15.39
C PHE A 217 -8.29 5.42 -14.84
N ASN A 218 -7.67 6.28 -15.65
CA ASN A 218 -7.38 7.64 -15.22
C ASN A 218 -8.62 8.54 -15.14
N LYS A 219 -9.78 7.98 -15.47
CA LYS A 219 -11.05 8.70 -15.38
C LYS A 219 -11.88 8.11 -14.25
N GLY A 220 -11.40 6.98 -13.71
CA GLY A 220 -12.09 6.33 -12.59
C GLY A 220 -13.22 5.39 -12.98
N GLU A 221 -13.28 4.97 -14.24
CA GLU A 221 -14.33 4.07 -14.69
C GLU A 221 -14.07 2.59 -14.47
N THR A 222 -12.80 2.19 -14.50
CA THR A 222 -12.47 0.78 -14.29
C THR A 222 -11.62 0.71 -13.03
N ALA A 223 -11.81 -0.36 -12.25
CA ALA A 223 -11.12 -0.55 -10.99
C ALA A 223 -9.64 -0.94 -11.04
N MET A 224 -9.22 -1.54 -12.15
CA MET A 224 -7.84 -1.98 -12.29
C MET A 224 -7.33 -1.84 -13.71
N THR A 225 -6.00 -1.85 -13.82
CA THR A 225 -5.35 -1.82 -15.12
C THR A 225 -3.99 -2.47 -14.90
N ILE A 226 -3.34 -2.86 -15.98
CA ILE A 226 -2.02 -3.45 -15.88
C ILE A 226 -1.08 -2.58 -16.70
N ASN A 227 -0.07 -2.03 -16.03
CA ASN A 227 0.89 -1.16 -16.71
C ASN A 227 2.20 -1.06 -15.93
N GLY A 228 3.18 -0.37 -16.51
CA GLY A 228 4.48 -0.21 -15.88
C GLY A 228 4.71 1.16 -15.24
N PRO A 229 5.89 1.37 -14.61
CA PRO A 229 6.21 2.64 -13.95
C PRO A 229 6.14 3.85 -14.86
N TRP A 230 6.36 3.64 -16.15
CA TRP A 230 6.32 4.74 -17.13
C TRP A 230 4.95 5.40 -17.23
N ALA A 231 3.93 4.73 -16.70
CA ALA A 231 2.55 5.24 -16.74
C ALA A 231 2.08 5.98 -15.49
N TRP A 232 2.81 5.83 -14.39
CA TRP A 232 2.44 6.48 -13.14
C TRP A 232 2.26 7.99 -13.25
N SER A 233 3.14 8.66 -13.97
CA SER A 233 3.07 10.12 -14.13
C SER A 233 1.68 10.59 -14.52
N ASN A 234 1.13 9.99 -15.58
CA ASN A 234 -0.20 10.34 -16.05
C ASN A 234 -1.28 10.06 -15.01
N ILE A 235 -1.09 8.99 -14.24
CA ILE A 235 -2.07 8.65 -13.22
C ILE A 235 -2.00 9.70 -12.11
N ASP A 236 -0.78 10.14 -11.78
CA ASP A 236 -0.60 11.14 -10.74
C ASP A 236 -1.37 12.40 -11.10
N THR A 237 -1.26 12.82 -12.37
CA THR A 237 -1.92 14.02 -12.86
C THR A 237 -3.45 13.92 -12.83
N SER A 238 -3.97 12.71 -13.02
CA SER A 238 -5.41 12.49 -13.03
C SER A 238 -6.01 12.55 -11.63
N LYS A 239 -5.15 12.48 -10.62
CA LYS A 239 -5.54 12.53 -9.22
C LYS A 239 -6.34 11.32 -8.71
N VAL A 240 -6.42 10.27 -9.51
CA VAL A 240 -7.12 9.07 -9.06
C VAL A 240 -6.31 8.50 -7.89
N ASN A 241 -7.00 8.05 -6.85
CA ASN A 241 -6.35 7.48 -5.68
C ASN A 241 -5.98 6.05 -6.04
N TYR A 242 -4.75 5.84 -6.50
CA TYR A 242 -4.32 4.51 -6.93
C TYR A 242 -3.22 3.85 -6.13
N GLY A 243 -3.13 2.54 -6.28
CA GLY A 243 -2.11 1.76 -5.61
C GLY A 243 -1.50 0.82 -6.65
N VAL A 244 -0.29 0.33 -6.38
CA VAL A 244 0.39 -0.59 -7.29
C VAL A 244 0.72 -1.82 -6.47
N THR A 245 0.42 -2.99 -7.02
CA THR A 245 0.67 -4.22 -6.30
C THR A 245 1.08 -5.39 -7.18
N VAL A 246 1.36 -6.51 -6.52
CA VAL A 246 1.76 -7.73 -7.19
C VAL A 246 0.62 -8.17 -8.09
N LEU A 247 0.96 -8.73 -9.24
CA LEU A 247 -0.05 -9.21 -10.20
C LEU A 247 -0.80 -10.40 -9.60
N PRO A 248 -2.07 -10.58 -9.99
CA PRO A 248 -2.87 -11.72 -9.48
C PRO A 248 -2.24 -13.05 -9.90
N THR A 249 -2.46 -14.09 -9.11
CA THR A 249 -1.93 -15.40 -9.45
C THR A 249 -2.95 -16.10 -10.34
N PHE A 250 -2.52 -17.14 -11.06
CA PHE A 250 -3.42 -17.91 -11.91
C PHE A 250 -3.13 -19.38 -11.64
N LYS A 251 -4.18 -20.14 -11.33
CA LYS A 251 -4.01 -21.55 -11.02
C LYS A 251 -3.05 -21.66 -9.84
N GLY A 252 -3.07 -20.64 -8.99
CA GLY A 252 -2.18 -20.64 -7.84
C GLY A 252 -0.74 -20.27 -8.15
N GLN A 253 -0.46 -20.00 -9.42
CA GLN A 253 0.90 -19.62 -9.83
C GLN A 253 1.00 -18.11 -10.09
N PRO A 254 2.16 -17.52 -9.78
CA PRO A 254 2.27 -16.08 -10.01
C PRO A 254 2.32 -15.73 -11.50
N SER A 255 1.80 -14.56 -11.84
CA SER A 255 1.82 -14.11 -13.23
C SER A 255 3.31 -13.91 -13.52
N LYS A 256 3.72 -14.12 -14.77
CA LYS A 256 5.13 -13.95 -15.12
C LYS A 256 5.33 -12.87 -16.17
N PRO A 257 5.37 -11.61 -15.72
CA PRO A 257 5.56 -10.51 -16.66
C PRO A 257 7.00 -10.47 -17.13
N PHE A 258 7.23 -9.98 -18.34
CA PHE A 258 8.59 -9.87 -18.85
C PHE A 258 9.28 -8.76 -18.08
N VAL A 259 10.59 -8.85 -18.00
CA VAL A 259 11.38 -7.85 -17.30
C VAL A 259 12.32 -7.14 -18.25
N GLY A 260 12.35 -5.82 -18.17
CA GLY A 260 13.23 -5.03 -19.01
C GLY A 260 14.24 -4.30 -18.12
N VAL A 261 15.52 -4.50 -18.42
CA VAL A 261 16.59 -3.87 -17.65
C VAL A 261 17.28 -2.75 -18.43
N LEU A 262 17.07 -1.50 -18.00
CA LEU A 262 17.71 -0.36 -18.66
C LEU A 262 19.19 -0.59 -18.41
N SER A 263 19.98 -0.68 -19.48
CA SER A 263 21.41 -0.95 -19.31
C SER A 263 22.34 0.05 -20.00
N ALA A 264 23.59 0.04 -19.55
CA ALA A 264 24.62 0.92 -20.09
C ALA A 264 25.73 0.09 -20.74
N GLY A 265 25.85 0.20 -22.06
CA GLY A 265 26.86 -0.55 -22.77
C GLY A 265 27.99 0.36 -23.22
N ILE A 266 29.17 -0.21 -23.40
CA ILE A 266 30.34 0.55 -23.84
C ILE A 266 30.65 0.22 -25.31
N ASN A 267 30.78 1.27 -26.11
CA ASN A 267 31.05 1.14 -27.54
C ASN A 267 32.35 0.38 -27.80
N ALA A 268 32.26 -0.68 -28.60
CA ALA A 268 33.43 -1.48 -28.91
C ALA A 268 34.52 -0.64 -29.55
N ALA A 269 34.13 0.48 -30.16
CA ALA A 269 35.10 1.35 -30.84
C ALA A 269 35.61 2.47 -29.95
N SER A 270 35.18 2.50 -28.69
CA SER A 270 35.60 3.55 -27.77
C SER A 270 37.04 3.39 -27.29
N PRO A 271 37.84 4.48 -27.36
CA PRO A 271 39.24 4.45 -26.93
C PRO A 271 39.31 4.82 -25.45
N ASN A 272 38.13 4.93 -24.83
CA ASN A 272 38.02 5.31 -23.43
C ASN A 272 37.29 4.27 -22.59
N LYS A 273 37.49 2.98 -22.90
CA LYS A 273 36.82 1.93 -22.14
C LYS A 273 37.10 1.95 -20.63
N GLU A 274 38.32 2.26 -20.23
CA GLU A 274 38.63 2.29 -18.79
C GLU A 274 37.89 3.46 -18.13
N LEU A 275 37.84 4.60 -18.83
CA LEU A 275 37.14 5.77 -18.30
C LEU A 275 35.66 5.46 -18.14
N ALA A 276 35.10 4.77 -19.13
CA ALA A 276 33.68 4.39 -19.12
C ALA A 276 33.41 3.52 -17.90
N LYS A 277 34.26 2.53 -17.68
CA LYS A 277 34.11 1.62 -16.54
C LYS A 277 34.14 2.40 -15.22
N GLU A 278 35.14 3.27 -15.06
CA GLU A 278 35.27 4.07 -13.84
C GLU A 278 34.01 4.90 -13.59
N PHE A 279 33.50 5.53 -14.63
CA PHE A 279 32.32 6.37 -14.51
C PHE A 279 31.07 5.56 -14.15
N LEU A 280 30.85 4.48 -14.88
CA LEU A 280 29.67 3.65 -14.64
C LEU A 280 29.65 2.95 -13.29
N GLU A 281 30.76 2.30 -12.95
CA GLU A 281 30.87 1.57 -11.69
C GLU A 281 30.98 2.41 -10.43
N ASN A 282 31.88 3.39 -10.43
CA ASN A 282 32.10 4.18 -9.24
C ASN A 282 31.50 5.58 -9.12
N TYR A 283 30.72 5.99 -10.12
CA TYR A 283 30.06 7.29 -10.06
C TYR A 283 28.55 7.13 -10.28
N LEU A 284 28.16 6.47 -11.35
CA LEU A 284 26.74 6.31 -11.63
C LEU A 284 26.09 5.26 -10.74
N LEU A 285 26.65 4.05 -10.72
CA LEU A 285 26.09 2.97 -9.92
C LEU A 285 26.42 3.06 -8.43
N THR A 286 26.01 4.17 -7.82
CA THR A 286 26.20 4.45 -6.40
C THR A 286 24.89 5.10 -5.96
N ASP A 287 24.63 5.14 -4.65
CA ASP A 287 23.38 5.75 -4.21
C ASP A 287 23.31 7.20 -4.67
N GLU A 288 24.44 7.88 -4.68
CA GLU A 288 24.48 9.29 -5.09
C GLU A 288 24.22 9.45 -6.58
N GLY A 289 24.83 8.57 -7.39
CA GLY A 289 24.65 8.67 -8.82
C GLY A 289 23.22 8.46 -9.26
N LEU A 290 22.65 7.31 -8.89
CA LEU A 290 21.28 7.01 -9.27
C LEU A 290 20.31 8.05 -8.72
N GLU A 291 20.59 8.54 -7.50
CA GLU A 291 19.75 9.56 -6.89
C GLU A 291 19.68 10.78 -7.80
N ALA A 292 20.82 11.19 -8.32
CA ALA A 292 20.88 12.37 -9.20
C ALA A 292 20.06 12.17 -10.46
N VAL A 293 20.10 10.97 -11.02
CA VAL A 293 19.34 10.70 -12.23
C VAL A 293 17.85 10.58 -11.89
N ASN A 294 17.56 9.85 -10.82
CA ASN A 294 16.18 9.63 -10.36
C ASN A 294 15.45 10.93 -10.02
N LYS A 295 16.17 11.89 -9.46
CA LYS A 295 15.58 13.18 -9.09
C LYS A 295 15.16 13.96 -10.31
N ASP A 296 15.85 13.73 -11.42
CA ASP A 296 15.55 14.39 -12.68
C ASP A 296 14.29 13.74 -13.25
N LYS A 297 14.37 12.44 -13.48
CA LYS A 297 13.26 11.64 -13.99
C LYS A 297 13.36 10.27 -13.33
N PRO A 298 12.31 9.85 -12.60
CA PRO A 298 12.30 8.57 -11.91
C PRO A 298 12.73 7.40 -12.78
N LEU A 299 13.51 6.49 -12.17
CA LEU A 299 14.00 5.30 -12.86
C LEU A 299 13.09 4.11 -12.59
N GLY A 300 12.22 4.24 -11.59
CA GLY A 300 11.36 3.14 -11.21
C GLY A 300 12.22 2.33 -10.25
N ALA A 301 12.26 1.01 -10.42
CA ALA A 301 13.09 0.16 -9.58
C ALA A 301 14.49 0.16 -10.18
N VAL A 302 15.50 -0.07 -9.35
CA VAL A 302 16.89 -0.08 -9.82
C VAL A 302 17.60 -1.40 -9.50
N ALA A 303 18.70 -1.66 -10.19
CA ALA A 303 19.46 -2.88 -10.01
C ALA A 303 20.38 -2.85 -8.79
N LEU A 304 20.79 -1.65 -8.38
CA LEU A 304 21.68 -1.48 -7.23
C LEU A 304 20.89 -1.76 -5.94
N LYS A 305 21.26 -2.83 -5.24
CA LYS A 305 20.57 -3.22 -4.01
C LYS A 305 20.43 -2.09 -2.99
N SER A 306 21.55 -1.48 -2.61
CA SER A 306 21.53 -0.41 -1.62
C SER A 306 20.52 0.68 -1.97
N TYR A 307 20.51 1.15 -3.21
CA TYR A 307 19.57 2.21 -3.54
C TYR A 307 18.13 1.68 -3.66
N GLU A 308 17.96 0.50 -4.23
CA GLU A 308 16.61 -0.07 -4.36
C GLU A 308 16.00 -0.23 -2.96
N GLU A 309 16.83 -0.63 -1.99
CA GLU A 309 16.33 -0.81 -0.64
C GLU A 309 15.75 0.50 -0.10
N GLU A 310 16.33 1.63 -0.51
CA GLU A 310 15.84 2.93 -0.09
C GLU A 310 14.57 3.27 -0.86
N LEU A 311 14.59 3.01 -2.18
CA LEU A 311 13.44 3.29 -3.03
C LEU A 311 12.19 2.48 -2.70
N ALA A 312 12.38 1.23 -2.26
CA ALA A 312 11.27 0.36 -1.92
C ALA A 312 10.42 0.91 -0.77
N LYS A 313 10.79 2.10 -0.31
CA LYS A 313 10.07 2.77 0.76
C LYS A 313 8.76 3.21 0.10
N ASP A 314 8.78 3.22 -1.23
CA ASP A 314 7.63 3.56 -2.05
C ASP A 314 7.05 2.21 -2.45
N PRO A 315 5.84 1.88 -1.95
CA PRO A 315 5.21 0.60 -2.28
C PRO A 315 5.07 0.30 -3.76
N ARG A 316 4.90 1.33 -4.59
CA ARG A 316 4.77 1.10 -6.03
C ARG A 316 6.08 0.56 -6.59
N ILE A 317 7.20 1.07 -6.10
CA ILE A 317 8.52 0.62 -6.54
C ILE A 317 8.79 -0.79 -6.02
N ALA A 318 8.42 -1.03 -4.76
CA ALA A 318 8.61 -2.35 -4.17
C ALA A 318 7.83 -3.40 -4.95
N ALA A 319 6.61 -3.06 -5.35
CA ALA A 319 5.78 -4.00 -6.10
C ALA A 319 6.37 -4.27 -7.48
N THR A 320 6.98 -3.23 -8.07
CA THR A 320 7.59 -3.36 -9.38
C THR A 320 8.68 -4.41 -9.34
N MET A 321 9.55 -4.32 -8.34
CA MET A 321 10.64 -5.29 -8.19
C MET A 321 10.08 -6.67 -7.82
N GLU A 322 9.03 -6.68 -7.01
CA GLU A 322 8.42 -7.95 -6.63
C GLU A 322 7.95 -8.70 -7.88
N ASN A 323 7.22 -8.00 -8.74
CA ASN A 323 6.73 -8.60 -9.98
C ASN A 323 7.89 -8.97 -10.92
N ALA A 324 8.94 -8.16 -10.93
CA ALA A 324 10.10 -8.43 -11.78
C ALA A 324 10.78 -9.74 -11.39
N GLN A 325 10.95 -9.95 -10.09
CA GLN A 325 11.61 -11.16 -9.60
C GLN A 325 10.78 -12.41 -9.84
N LYS A 326 9.49 -12.25 -10.07
CA LYS A 326 8.61 -13.38 -10.35
C LYS A 326 8.44 -13.49 -11.86
N GLY A 327 9.05 -12.55 -12.58
CA GLY A 327 8.95 -12.52 -14.03
C GLY A 327 10.03 -13.21 -14.84
N GLU A 328 9.96 -13.00 -16.15
CA GLU A 328 10.90 -13.60 -17.10
C GLU A 328 11.72 -12.53 -17.83
N ILE A 329 13.04 -12.57 -17.65
CA ILE A 329 13.91 -11.62 -18.33
C ILE A 329 13.69 -11.76 -19.83
N MET A 330 13.44 -10.65 -20.52
CA MET A 330 13.21 -10.71 -21.96
C MET A 330 14.45 -11.26 -22.67
N PRO A 331 14.28 -12.33 -23.46
CA PRO A 331 15.42 -12.91 -24.17
C PRO A 331 15.97 -11.91 -25.19
N ASN A 332 17.29 -11.80 -25.24
CA ASN A 332 17.96 -10.87 -26.15
C ASN A 332 18.43 -11.54 -27.44
N ILE A 333 18.04 -12.78 -27.65
CA ILE A 333 18.44 -13.52 -28.85
C ILE A 333 17.63 -13.11 -30.08
N PRO A 334 18.18 -13.35 -31.29
CA PRO A 334 17.49 -13.00 -32.54
C PRO A 334 16.11 -13.62 -32.69
N GLN A 335 15.92 -14.80 -32.13
CA GLN A 335 14.65 -15.53 -32.21
C GLN A 335 13.48 -14.90 -31.46
N MET A 336 13.76 -13.94 -30.57
CA MET A 336 12.69 -13.32 -29.80
C MET A 336 11.72 -12.56 -30.69
N SER A 337 12.22 -12.00 -31.80
CA SER A 337 11.36 -11.27 -32.71
C SER A 337 10.28 -12.20 -33.26
N ALA A 338 10.69 -13.41 -33.62
CA ALA A 338 9.76 -14.40 -34.15
C ALA A 338 8.70 -14.73 -33.09
N PHE A 339 9.12 -14.73 -31.82
CA PHE A 339 8.22 -15.01 -30.71
C PHE A 339 7.17 -13.90 -30.59
N TRP A 340 7.62 -12.65 -30.53
CA TRP A 340 6.70 -11.52 -30.42
C TRP A 340 5.61 -11.54 -31.50
N TYR A 341 6.01 -11.65 -32.76
CA TYR A 341 5.05 -11.65 -33.86
C TYR A 341 4.11 -12.85 -33.88
N ALA A 342 4.63 -14.04 -33.60
CA ALA A 342 3.80 -15.24 -33.58
C ALA A 342 2.78 -15.24 -32.44
N VAL A 343 3.21 -14.79 -31.26
CA VAL A 343 2.32 -14.73 -30.10
C VAL A 343 1.29 -13.61 -30.25
N ARG A 344 1.71 -12.48 -30.82
CA ARG A 344 0.79 -11.37 -31.03
C ARG A 344 -0.36 -11.87 -31.91
N THR A 345 -0.01 -12.60 -32.95
CA THR A 345 -1.00 -13.15 -33.87
C THR A 345 -1.89 -14.18 -33.19
N ALA A 346 -1.29 -15.10 -32.44
CA ALA A 346 -2.08 -16.12 -31.76
C ALA A 346 -3.14 -15.49 -30.86
N VAL A 347 -2.78 -14.45 -30.13
CA VAL A 347 -3.74 -13.80 -29.24
C VAL A 347 -4.87 -13.13 -30.03
N ILE A 348 -4.51 -12.39 -31.07
CA ILE A 348 -5.52 -11.73 -31.91
C ILE A 348 -6.48 -12.76 -32.49
N ASN A 349 -5.93 -13.84 -33.04
CA ASN A 349 -6.76 -14.89 -33.64
C ASN A 349 -7.64 -15.65 -32.67
N ALA A 350 -7.13 -15.95 -31.48
CA ALA A 350 -7.92 -16.67 -30.49
C ALA A 350 -9.05 -15.79 -29.97
N ALA A 351 -8.80 -14.49 -29.86
CA ALA A 351 -9.80 -13.54 -29.38
C ALA A 351 -10.84 -13.15 -30.44
N SER A 352 -10.49 -13.32 -31.71
CA SER A 352 -11.39 -12.98 -32.81
C SER A 352 -12.20 -14.20 -33.26
N GLY A 353 -11.75 -15.38 -32.86
CA GLY A 353 -12.43 -16.60 -33.24
C GLY A 353 -11.89 -17.16 -34.54
N ARG A 354 -10.84 -16.53 -35.06
CA ARG A 354 -10.21 -16.99 -36.30
C ARG A 354 -9.60 -18.37 -36.08
N GLN A 355 -9.17 -18.63 -34.85
CA GLN A 355 -8.58 -19.90 -34.47
C GLN A 355 -8.97 -20.22 -33.03
N THR A 356 -8.98 -21.50 -32.67
CA THR A 356 -9.27 -21.89 -31.31
C THR A 356 -7.98 -21.59 -30.54
N VAL A 357 -8.05 -21.58 -29.22
CA VAL A 357 -6.86 -21.32 -28.41
C VAL A 357 -5.76 -22.32 -28.71
N ASP A 358 -6.10 -23.61 -28.65
CA ASP A 358 -5.13 -24.68 -28.91
C ASP A 358 -4.45 -24.58 -30.26
N GLU A 359 -5.24 -24.32 -31.30
CA GLU A 359 -4.72 -24.23 -32.66
C GLU A 359 -3.87 -22.96 -32.84
N ALA A 360 -4.27 -21.88 -32.19
CA ALA A 360 -3.53 -20.62 -32.30
C ALA A 360 -2.14 -20.75 -31.69
N LEU A 361 -2.06 -21.36 -30.51
CA LEU A 361 -0.78 -21.52 -29.84
C LEU A 361 0.04 -22.60 -30.55
N LYS A 362 -0.63 -23.64 -31.03
CA LYS A 362 0.07 -24.72 -31.72
C LYS A 362 0.83 -24.16 -32.92
N ASP A 363 0.18 -23.30 -33.69
CA ASP A 363 0.80 -22.70 -34.87
C ASP A 363 1.91 -21.70 -34.50
N ALA A 364 1.70 -20.96 -33.42
CA ALA A 364 2.69 -19.99 -32.97
C ALA A 364 3.96 -20.74 -32.57
N GLN A 365 3.77 -21.82 -31.81
CA GLN A 365 4.88 -22.66 -31.34
C GLN A 365 5.71 -23.18 -32.51
N THR A 366 5.04 -23.74 -33.50
CA THR A 366 5.72 -24.28 -34.68
C THR A 366 6.45 -23.20 -35.45
N ARG A 367 5.84 -22.03 -35.54
CA ARG A 367 6.42 -20.91 -36.27
C ARG A 367 7.67 -20.38 -35.56
N ILE A 368 7.66 -20.40 -34.23
CA ILE A 368 8.79 -19.93 -33.45
C ILE A 368 9.99 -20.88 -33.51
N THR A 369 9.72 -22.18 -33.29
CA THR A 369 10.78 -23.19 -33.31
C THR A 369 11.13 -23.63 -34.72
N LYS A 370 10.57 -22.90 -35.68
CA LYS A 370 10.79 -23.16 -37.10
C LYS A 370 12.27 -23.20 -37.42
N LYS B 1 15.52 16.04 2.20
CA LYS B 1 16.09 15.60 3.51
C LYS B 1 15.55 16.44 4.66
N ILE B 2 15.44 15.83 5.83
CA ILE B 2 14.93 16.52 7.01
C ILE B 2 16.06 17.28 7.69
N GLU B 3 15.80 18.51 8.11
CA GLU B 3 16.84 19.32 8.74
C GLU B 3 17.26 18.82 10.11
N GLU B 4 18.56 18.74 10.31
CA GLU B 4 19.14 18.26 11.56
C GLU B 4 19.23 19.36 12.61
N GLY B 5 19.12 18.98 13.88
CA GLY B 5 19.25 19.96 14.95
C GLY B 5 17.96 20.53 15.53
N LYS B 6 16.81 20.14 15.00
CA LYS B 6 15.53 20.63 15.51
C LYS B 6 14.46 19.56 15.32
N LEU B 7 13.22 19.89 15.65
CA LEU B 7 12.12 18.94 15.50
C LEU B 7 10.92 19.56 14.80
N VAL B 8 10.43 18.87 13.77
CA VAL B 8 9.25 19.29 13.04
C VAL B 8 8.23 18.20 13.38
N ILE B 9 7.08 18.61 13.89
CA ILE B 9 6.04 17.68 14.30
C ILE B 9 4.73 17.89 13.54
N TRP B 10 4.10 16.78 13.16
CA TRP B 10 2.83 16.83 12.45
C TRP B 10 1.72 16.25 13.31
N ILE B 11 0.62 16.99 13.44
CA ILE B 11 -0.55 16.55 14.21
C ILE B 11 -1.76 17.16 13.53
N ASN B 12 -2.89 16.46 13.53
CA ASN B 12 -4.10 16.94 12.85
C ASN B 12 -4.69 18.25 13.37
N GLY B 13 -5.29 19.00 12.45
CA GLY B 13 -5.89 20.28 12.79
C GLY B 13 -7.01 20.26 13.82
N ASP B 14 -7.50 19.08 14.18
CA ASP B 14 -8.57 19.00 15.16
C ASP B 14 -8.06 18.66 16.56
N LYS B 15 -6.74 18.54 16.70
CA LYS B 15 -6.14 18.23 18.00
C LYS B 15 -5.59 19.52 18.58
N GLY B 16 -5.06 19.45 19.80
CA GLY B 16 -4.53 20.62 20.45
C GLY B 16 -3.11 20.96 20.00
N TYR B 17 -2.97 21.38 18.74
CA TYR B 17 -1.65 21.70 18.22
C TYR B 17 -1.02 22.95 18.83
N ASN B 18 -1.84 23.86 19.37
CA ASN B 18 -1.30 25.06 20.01
C ASN B 18 -0.74 24.64 21.36
N GLY B 19 -1.39 23.69 21.99
CA GLY B 19 -0.93 23.20 23.28
C GLY B 19 0.38 22.46 23.08
N LEU B 20 0.46 21.69 22.00
CA LEU B 20 1.68 20.92 21.70
C LEU B 20 2.82 21.89 21.44
N ALA B 21 2.50 22.99 20.76
CA ALA B 21 3.48 24.00 20.43
C ALA B 21 4.08 24.60 21.70
N GLU B 22 3.27 24.71 22.75
CA GLU B 22 3.74 25.25 24.02
C GLU B 22 4.73 24.29 24.65
N VAL B 23 4.46 23.00 24.52
CA VAL B 23 5.36 21.99 25.05
C VAL B 23 6.67 22.16 24.29
N GLY B 24 6.56 22.41 22.99
CA GLY B 24 7.74 22.61 22.17
C GLY B 24 8.52 23.83 22.65
N LYS B 25 7.81 24.87 23.08
CA LYS B 25 8.46 26.08 23.56
C LYS B 25 9.21 25.80 24.87
N LYS B 26 8.61 25.00 25.74
CA LYS B 26 9.25 24.66 27.01
C LYS B 26 10.51 23.84 26.72
N PHE B 27 10.45 23.04 25.66
CA PHE B 27 11.57 22.21 25.26
C PHE B 27 12.71 23.13 24.80
N GLU B 28 12.35 24.17 24.05
CA GLU B 28 13.35 25.11 23.56
C GLU B 28 13.95 25.87 24.73
N LYS B 29 13.09 26.34 25.62
CA LYS B 29 13.54 27.09 26.79
C LYS B 29 14.53 26.27 27.62
N ASP B 30 14.19 25.00 27.85
CA ASP B 30 15.01 24.10 28.66
C ASP B 30 16.26 23.52 27.98
N THR B 31 16.19 23.26 26.68
CA THR B 31 17.32 22.66 25.95
C THR B 31 17.92 23.51 24.85
N GLY B 32 17.23 24.58 24.47
CA GLY B 32 17.72 25.43 23.39
C GLY B 32 17.33 24.91 22.03
N ILE B 33 16.71 23.73 21.99
CA ILE B 33 16.27 23.11 20.74
C ILE B 33 14.91 23.61 20.28
N LYS B 34 14.83 24.01 19.02
CA LYS B 34 13.61 24.54 18.45
C LYS B 34 12.65 23.47 17.96
N VAL B 35 11.36 23.68 18.21
CA VAL B 35 10.32 22.75 17.81
C VAL B 35 9.25 23.47 17.00
N THR B 36 8.97 22.94 15.81
CA THR B 36 7.95 23.50 14.93
C THR B 36 6.81 22.51 14.77
N VAL B 37 5.59 22.95 15.08
CA VAL B 37 4.42 22.10 14.95
C VAL B 37 3.62 22.55 13.74
N GLU B 38 3.22 21.58 12.91
CA GLU B 38 2.44 21.87 11.70
C GLU B 38 1.26 20.91 11.62
N HIS B 39 0.15 21.40 11.06
CA HIS B 39 -1.06 20.59 10.92
C HIS B 39 -1.65 20.70 9.51
N PRO B 40 -0.90 20.22 8.50
CA PRO B 40 -1.31 20.25 7.09
C PRO B 40 -2.53 19.38 6.82
N ASP B 41 -3.27 19.71 5.78
CA ASP B 41 -4.45 18.94 5.41
C ASP B 41 -4.01 17.57 4.87
N LYS B 42 -4.81 16.55 5.12
CA LYS B 42 -4.51 15.22 4.63
C LYS B 42 -3.10 14.75 4.99
N LEU B 43 -2.61 15.10 6.17
CA LEU B 43 -1.27 14.72 6.56
C LEU B 43 -1.07 13.20 6.63
N GLU B 44 -2.11 12.45 6.99
CA GLU B 44 -1.99 11.00 7.08
C GLU B 44 -1.73 10.39 5.70
N GLU B 45 -2.09 11.14 4.66
CA GLU B 45 -1.88 10.71 3.28
C GLU B 45 -0.58 11.27 2.72
N LYS B 46 -0.17 12.45 3.19
CA LYS B 46 1.08 13.05 2.73
C LYS B 46 2.30 12.35 3.32
N PHE B 47 2.22 11.97 4.59
CA PHE B 47 3.34 11.33 5.27
C PHE B 47 3.98 10.18 4.50
N PRO B 48 3.18 9.19 4.06
CA PRO B 48 3.77 8.07 3.33
C PRO B 48 4.44 8.48 2.02
N GLN B 49 4.04 9.61 1.46
CA GLN B 49 4.62 10.09 0.20
C GLN B 49 5.98 10.73 0.45
N VAL B 50 6.01 11.71 1.35
CA VAL B 50 7.26 12.41 1.67
C VAL B 50 8.25 11.56 2.46
N ALA B 51 7.76 10.72 3.35
CA ALA B 51 8.65 9.87 4.14
C ALA B 51 9.37 8.88 3.22
N ALA B 52 8.71 8.52 2.13
CA ALA B 52 9.29 7.59 1.16
C ALA B 52 10.56 8.15 0.51
N THR B 53 10.65 9.47 0.44
CA THR B 53 11.81 10.10 -0.17
C THR B 53 12.81 10.69 0.83
N GLY B 54 12.63 10.38 2.11
CA GLY B 54 13.54 10.88 3.12
C GLY B 54 13.17 12.26 3.65
N ASP B 55 11.92 12.66 3.40
CA ASP B 55 11.44 13.96 3.85
C ASP B 55 10.29 13.82 4.82
N GLY B 56 9.67 14.96 5.16
CA GLY B 56 8.55 14.97 6.08
C GLY B 56 8.96 15.41 7.47
N PRO B 57 8.08 15.23 8.47
CA PRO B 57 8.34 15.61 9.86
C PRO B 57 9.16 14.55 10.59
N ASP B 58 9.76 14.93 11.71
CA ASP B 58 10.55 14.01 12.53
C ASP B 58 9.58 13.15 13.31
N ILE B 59 8.47 13.75 13.73
CA ILE B 59 7.45 13.07 14.52
C ILE B 59 6.05 13.27 13.94
N ILE B 60 5.27 12.20 13.86
CA ILE B 60 3.90 12.32 13.36
C ILE B 60 2.91 11.74 14.36
N PHE B 61 1.81 12.45 14.58
CA PHE B 61 0.76 12.03 15.51
C PHE B 61 -0.45 11.57 14.71
N TRP B 62 -0.93 10.36 15.00
CA TRP B 62 -2.12 9.83 14.32
C TRP B 62 -2.61 8.57 15.00
N ALA B 63 -3.86 8.17 14.71
CA ALA B 63 -4.41 6.95 15.27
C ALA B 63 -3.43 5.83 14.94
N HIS B 64 -3.24 4.91 15.88
CA HIS B 64 -2.29 3.81 15.73
C HIS B 64 -2.47 2.87 14.54
N ASP B 65 -3.71 2.62 14.13
CA ASP B 65 -3.94 1.70 13.03
C ASP B 65 -3.27 2.10 11.71
N ARG B 66 -3.17 3.40 11.46
CA ARG B 66 -2.54 3.89 10.25
C ARG B 66 -1.03 3.61 10.24
N PHE B 67 -0.44 3.54 11.44
CA PHE B 67 0.99 3.29 11.56
C PHE B 67 1.40 1.90 11.09
N GLY B 68 0.43 1.00 10.93
CA GLY B 68 0.75 -0.33 10.46
C GLY B 68 1.21 -0.25 9.02
N GLY B 69 0.48 0.52 8.22
CA GLY B 69 0.84 0.68 6.82
C GLY B 69 2.16 1.40 6.66
N TYR B 70 2.40 2.39 7.53
CA TYR B 70 3.64 3.14 7.46
C TYR B 70 4.82 2.23 7.81
N ALA B 71 4.67 1.42 8.85
CA ALA B 71 5.75 0.53 9.27
C ALA B 71 6.07 -0.51 8.22
N GLN B 72 5.03 -0.93 7.50
CA GLN B 72 5.19 -1.92 6.43
C GLN B 72 6.15 -1.41 5.37
N SER B 73 6.11 -0.10 5.11
CA SER B 73 6.99 0.51 4.12
C SER B 73 8.28 1.00 4.75
N GLY B 74 8.50 0.63 6.01
CA GLY B 74 9.69 1.02 6.74
C GLY B 74 9.82 2.52 6.97
N LEU B 75 8.69 3.18 7.21
CA LEU B 75 8.69 4.63 7.41
C LEU B 75 8.86 5.07 8.86
N LEU B 76 8.76 4.14 9.80
CA LEU B 76 8.89 4.47 11.21
C LEU B 76 10.08 3.80 11.90
N ALA B 77 10.73 4.56 12.77
CA ALA B 77 11.87 4.06 13.51
C ALA B 77 11.39 3.26 14.72
N GLU B 78 12.20 2.32 15.15
CA GLU B 78 11.85 1.51 16.31
C GLU B 78 12.14 2.39 17.51
N ILE B 79 11.21 2.49 18.44
CA ILE B 79 11.43 3.32 19.61
C ILE B 79 12.03 2.47 20.71
N THR B 80 12.71 3.12 21.66
CA THR B 80 13.37 2.39 22.75
C THR B 80 13.04 2.83 24.18
N PRO B 81 11.74 2.88 24.54
CA PRO B 81 11.42 3.30 25.92
C PRO B 81 11.80 2.15 26.86
N ASP B 82 12.53 2.42 27.94
CA ASP B 82 12.90 1.33 28.84
C ASP B 82 11.69 0.86 29.65
N LYS B 83 11.89 -0.18 30.46
CA LYS B 83 10.82 -0.74 31.26
C LYS B 83 10.12 0.25 32.18
N ALA B 84 10.91 1.06 32.89
CA ALA B 84 10.35 2.06 33.79
C ALA B 84 9.41 3.03 33.08
N PHE B 85 9.75 3.41 31.85
CA PHE B 85 8.89 4.32 31.11
C PHE B 85 7.61 3.61 30.69
N GLN B 86 7.76 2.40 30.17
CA GLN B 86 6.62 1.60 29.74
C GLN B 86 5.62 1.41 30.87
N ASP B 87 6.13 1.18 32.09
CA ASP B 87 5.26 0.99 33.24
C ASP B 87 4.39 2.20 33.54
N LYS B 88 4.82 3.39 33.08
CA LYS B 88 4.07 4.61 33.33
C LYS B 88 2.78 4.70 32.51
N LEU B 89 2.62 3.80 31.55
CA LEU B 89 1.42 3.79 30.71
C LEU B 89 0.63 2.49 30.90
N TYR B 90 -0.66 2.54 30.62
CA TYR B 90 -1.48 1.33 30.74
C TYR B 90 -0.92 0.30 29.78
N PRO B 91 -0.62 -0.91 30.28
CA PRO B 91 -0.06 -2.01 29.50
C PRO B 91 -0.67 -2.24 28.12
N PHE B 92 -1.98 -2.28 28.03
CA PHE B 92 -2.62 -2.53 26.73
C PHE B 92 -2.31 -1.50 25.63
N THR B 93 -1.99 -0.26 26.00
CA THR B 93 -1.70 0.74 24.97
C THR B 93 -0.44 0.39 24.18
N TRP B 94 0.52 -0.28 24.83
CA TRP B 94 1.73 -0.67 24.12
C TRP B 94 1.44 -1.75 23.09
N ASP B 95 0.29 -2.41 23.21
CA ASP B 95 -0.08 -3.46 22.27
C ASP B 95 -0.62 -2.90 20.96
N ALA B 96 -0.89 -1.61 20.94
CA ALA B 96 -1.43 -0.98 19.74
C ALA B 96 -0.34 -0.29 18.92
N VAL B 97 0.89 -0.29 19.44
CA VAL B 97 1.99 0.37 18.74
C VAL B 97 3.15 -0.53 18.30
N ARG B 98 2.86 -1.78 17.95
CA ARG B 98 3.93 -2.64 17.48
C ARG B 98 3.57 -3.32 16.17
N TYR B 99 4.57 -3.48 15.32
CA TYR B 99 4.42 -4.11 14.03
C TYR B 99 5.47 -5.21 13.93
N ASN B 100 5.01 -6.46 13.90
CA ASN B 100 5.93 -7.60 13.85
C ASN B 100 6.77 -7.62 15.12
N GLY B 101 6.12 -7.43 16.26
CA GLY B 101 6.81 -7.45 17.53
C GLY B 101 7.52 -6.17 17.96
N LYS B 102 8.00 -5.38 16.99
CA LYS B 102 8.72 -4.16 17.29
C LYS B 102 7.87 -2.92 17.60
N LEU B 103 8.27 -2.21 18.64
CA LEU B 103 7.59 -0.99 19.10
C LEU B 103 7.88 0.13 18.08
N ILE B 104 6.84 0.70 17.49
CA ILE B 104 7.05 1.77 16.50
C ILE B 104 6.35 3.10 16.76
N ALA B 105 5.86 3.31 17.98
CA ALA B 105 5.21 4.57 18.33
C ALA B 105 4.89 4.69 19.81
N TYR B 106 4.75 5.92 20.28
CA TYR B 106 4.41 6.16 21.68
C TYR B 106 2.91 6.40 21.81
N PRO B 107 2.25 5.63 22.68
CA PRO B 107 0.80 5.82 22.88
C PRO B 107 0.58 7.17 23.58
N ILE B 108 -0.43 7.91 23.15
CA ILE B 108 -0.73 9.21 23.75
C ILE B 108 -2.12 9.20 24.38
N ALA B 109 -3.14 8.95 23.55
CA ALA B 109 -4.52 8.95 24.04
C ALA B 109 -5.26 7.69 23.63
N VAL B 110 -6.39 7.44 24.29
CA VAL B 110 -7.21 6.26 24.05
C VAL B 110 -8.66 6.66 23.75
N GLU B 111 -9.22 6.07 22.70
CA GLU B 111 -10.57 6.37 22.26
C GLU B 111 -11.41 5.11 22.05
N ALA B 112 -12.69 5.16 22.43
CA ALA B 112 -13.60 4.02 22.27
C ALA B 112 -15.04 4.49 22.42
N LEU B 113 -15.99 3.69 21.93
CA LEU B 113 -17.40 4.01 22.04
C LEU B 113 -17.88 3.72 23.45
N SER B 114 -18.89 4.46 23.88
CA SER B 114 -19.48 4.30 25.20
C SER B 114 -21.00 4.39 25.06
N LEU B 115 -21.70 3.97 26.10
CA LEU B 115 -23.16 4.03 26.11
C LEU B 115 -23.52 5.43 26.61
N ILE B 116 -24.17 6.22 25.76
CA ILE B 116 -24.56 7.58 26.15
C ILE B 116 -26.06 7.57 26.45
N TYR B 117 -26.46 8.16 27.56
CA TYR B 117 -27.87 8.16 27.92
C TYR B 117 -28.43 9.47 28.47
N ASN B 118 -29.74 9.59 28.38
CA ASN B 118 -30.48 10.76 28.86
C ASN B 118 -30.87 10.52 30.32
N LYS B 119 -30.19 11.21 31.23
CA LYS B 119 -30.44 11.07 32.66
C LYS B 119 -31.84 11.43 33.11
N ASP B 120 -32.51 12.32 32.38
CA ASP B 120 -33.87 12.70 32.75
C ASP B 120 -34.85 11.59 32.43
N LEU B 121 -34.71 11.02 31.24
CA LEU B 121 -35.58 9.92 30.82
C LEU B 121 -35.17 8.59 31.42
N LEU B 122 -33.86 8.41 31.58
CA LEU B 122 -33.33 7.14 32.07
C LEU B 122 -32.21 7.34 33.08
N PRO B 123 -32.57 7.65 34.34
CA PRO B 123 -31.56 7.85 35.39
C PRO B 123 -30.73 6.62 35.73
N ASN B 124 -31.28 5.42 35.47
CA ASN B 124 -30.57 4.18 35.73
C ASN B 124 -30.55 3.30 34.46
N PRO B 125 -29.57 3.56 33.57
CA PRO B 125 -29.42 2.82 32.31
C PRO B 125 -29.20 1.32 32.49
N PRO B 126 -29.64 0.51 31.52
CA PRO B 126 -29.52 -0.96 31.55
C PRO B 126 -28.08 -1.47 31.56
N LYS B 127 -27.82 -2.47 32.38
CA LYS B 127 -26.48 -3.05 32.45
C LYS B 127 -26.28 -4.12 31.38
N THR B 128 -27.39 -4.62 30.82
CA THR B 128 -27.32 -5.66 29.80
C THR B 128 -28.11 -5.34 28.53
N TRP B 129 -27.69 -5.95 27.43
CA TRP B 129 -28.38 -5.77 26.15
C TRP B 129 -29.72 -6.49 26.20
N GLU B 130 -29.75 -7.62 26.89
CA GLU B 130 -30.97 -8.43 26.99
C GLU B 130 -32.20 -7.73 27.58
N GLU B 131 -31.99 -6.74 28.44
CA GLU B 131 -33.10 -6.04 29.06
C GLU B 131 -33.59 -4.83 28.27
N ILE B 132 -32.92 -4.53 27.16
CA ILE B 132 -33.32 -3.37 26.37
C ILE B 132 -34.69 -3.50 25.68
N PRO B 133 -35.00 -4.68 25.10
CA PRO B 133 -36.30 -4.83 24.44
C PRO B 133 -37.44 -4.46 25.39
N ALA B 134 -37.42 -5.01 26.59
CA ALA B 134 -38.44 -4.74 27.60
C ALA B 134 -38.47 -3.26 28.00
N LEU B 135 -37.30 -2.64 28.05
CA LEU B 135 -37.19 -1.23 28.41
C LEU B 135 -37.76 -0.38 27.28
N ASP B 136 -37.60 -0.84 26.05
CA ASP B 136 -38.11 -0.12 24.89
C ASP B 136 -39.62 -0.12 24.93
N LYS B 137 -40.20 -1.25 25.35
CA LYS B 137 -41.65 -1.37 25.44
C LYS B 137 -42.17 -0.39 26.48
N GLU B 138 -41.49 -0.31 27.63
CA GLU B 138 -41.89 0.60 28.70
C GLU B 138 -41.77 2.06 28.29
N LEU B 139 -40.67 2.40 27.64
CA LEU B 139 -40.46 3.79 27.21
C LEU B 139 -41.40 4.22 26.10
N LYS B 140 -41.78 3.31 25.21
CA LYS B 140 -42.69 3.67 24.13
C LYS B 140 -44.07 4.00 24.67
N ALA B 141 -44.34 3.57 25.91
CA ALA B 141 -45.61 3.87 26.54
C ALA B 141 -45.64 5.37 26.88
N LYS B 142 -44.47 6.01 26.75
CA LYS B 142 -44.31 7.45 27.01
C LYS B 142 -44.05 8.19 25.70
N GLY B 143 -44.00 7.45 24.60
CA GLY B 143 -43.75 8.10 23.32
C GLY B 143 -42.26 8.28 23.06
N LYS B 144 -41.43 7.51 23.78
CA LYS B 144 -39.97 7.55 23.62
C LYS B 144 -39.45 6.14 23.30
N SER B 145 -38.25 6.05 22.74
CA SER B 145 -37.68 4.73 22.44
C SER B 145 -36.43 4.57 23.29
N ALA B 146 -35.99 3.33 23.48
CA ALA B 146 -34.82 3.07 24.32
C ALA B 146 -33.46 3.33 23.69
N LEU B 147 -33.26 2.85 22.47
CA LEU B 147 -31.95 2.98 21.84
C LEU B 147 -31.91 3.25 20.35
N MET B 148 -30.97 4.10 19.96
CA MET B 148 -30.74 4.42 18.56
C MET B 148 -29.27 4.75 18.34
N PHE B 149 -28.61 4.00 17.46
CA PHE B 149 -27.21 4.24 17.13
C PHE B 149 -26.92 3.84 15.69
N ASN B 150 -25.83 4.35 15.15
CA ASN B 150 -25.45 4.08 13.77
C ASN B 150 -25.25 2.59 13.49
N LEU B 151 -26.09 2.03 12.62
CA LEU B 151 -26.01 0.62 12.27
C LEU B 151 -25.36 0.39 10.89
N GLN B 152 -24.87 1.47 10.27
CA GLN B 152 -24.27 1.38 8.94
C GLN B 152 -22.77 1.07 8.93
N GLU B 153 -22.07 1.44 9.99
CA GLU B 153 -20.64 1.20 10.08
C GLU B 153 -20.33 0.03 10.99
N PRO B 154 -19.49 -0.91 10.53
CA PRO B 154 -19.15 -2.08 11.35
C PRO B 154 -18.52 -1.71 12.68
N TYR B 155 -17.88 -0.55 12.72
CA TYR B 155 -17.23 -0.05 13.93
C TYR B 155 -18.25 0.11 15.06
N PHE B 156 -19.44 0.58 14.72
CA PHE B 156 -20.50 0.80 15.71
C PHE B 156 -21.25 -0.45 16.18
N THR B 157 -21.35 -1.46 15.31
CA THR B 157 -22.04 -2.68 15.67
C THR B 157 -21.15 -3.75 16.26
N TRP B 158 -19.84 -3.64 16.04
CA TRP B 158 -18.90 -4.62 16.53
C TRP B 158 -18.93 -4.84 18.05
N PRO B 159 -19.13 -3.79 18.85
CA PRO B 159 -19.16 -3.99 20.30
C PRO B 159 -20.02 -5.18 20.74
N LEU B 160 -21.24 -5.24 20.21
CA LEU B 160 -22.20 -6.29 20.52
C LEU B 160 -21.75 -7.63 19.94
N ILE B 161 -21.28 -7.61 18.70
CA ILE B 161 -20.83 -8.81 18.00
C ILE B 161 -19.63 -9.48 18.67
N ALA B 162 -18.70 -8.66 19.17
CA ALA B 162 -17.50 -9.17 19.81
C ALA B 162 -17.73 -9.64 21.24
N ALA B 163 -18.70 -9.03 21.92
CA ALA B 163 -19.00 -9.34 23.32
C ALA B 163 -18.83 -10.80 23.75
N ASP B 164 -19.54 -11.70 23.08
CA ASP B 164 -19.51 -13.11 23.43
C ASP B 164 -18.49 -13.99 22.68
N GLY B 165 -17.50 -13.37 22.03
CA GLY B 165 -16.50 -14.18 21.33
C GLY B 165 -15.93 -13.70 20.02
N GLY B 166 -16.60 -12.76 19.36
CA GLY B 166 -16.08 -12.27 18.09
C GLY B 166 -14.80 -11.46 18.23
N TYR B 167 -13.91 -11.58 17.25
CA TYR B 167 -12.67 -10.82 17.23
C TYR B 167 -12.17 -10.74 15.80
N ALA B 168 -11.42 -9.69 15.47
CA ALA B 168 -10.91 -9.49 14.12
C ALA B 168 -9.82 -10.49 13.77
N PHE B 169 -8.67 -10.32 14.43
CA PHE B 169 -7.53 -11.22 14.21
C PHE B 169 -6.91 -11.48 15.57
N LYS B 170 -6.60 -12.75 15.84
CA LYS B 170 -6.01 -13.11 17.14
C LYS B 170 -4.64 -12.47 17.32
N TYR B 171 -4.41 -11.92 18.51
CA TYR B 171 -3.15 -11.27 18.86
C TYR B 171 -2.47 -12.12 19.92
N GLU B 172 -1.31 -12.70 19.59
CA GLU B 172 -0.58 -13.54 20.53
C GLU B 172 0.51 -12.80 21.29
N ASN B 173 1.74 -12.88 20.78
CA ASN B 173 2.88 -12.22 21.42
C ASN B 173 3.39 -11.05 20.58
N GLY B 174 2.64 -9.95 20.57
CA GLY B 174 3.04 -8.79 19.81
C GLY B 174 2.76 -8.89 18.32
N LYS B 175 2.09 -9.96 17.90
CA LYS B 175 1.78 -10.11 16.48
C LYS B 175 0.38 -10.67 16.25
N TYR B 176 -0.12 -10.49 15.04
CA TYR B 176 -1.44 -10.95 14.66
C TYR B 176 -1.39 -12.20 13.77
N ASP B 177 -2.31 -13.13 14.00
CA ASP B 177 -2.41 -14.36 13.21
C ASP B 177 -3.43 -14.11 12.11
N ILE B 178 -2.94 -13.88 10.90
CA ILE B 178 -3.77 -13.60 9.73
C ILE B 178 -4.87 -14.62 9.42
N LYS B 179 -4.73 -15.85 9.91
CA LYS B 179 -5.74 -16.87 9.64
C LYS B 179 -6.66 -17.14 10.81
N ASP B 180 -6.31 -16.64 11.99
CA ASP B 180 -7.13 -16.85 13.17
C ASP B 180 -8.12 -15.70 13.31
N VAL B 181 -9.19 -15.77 12.54
CA VAL B 181 -10.24 -14.75 12.53
C VAL B 181 -11.48 -15.22 13.29
N GLY B 182 -12.05 -14.33 14.11
CA GLY B 182 -13.24 -14.67 14.88
C GLY B 182 -14.51 -13.95 14.47
N VAL B 183 -14.83 -14.01 13.18
CA VAL B 183 -16.03 -13.34 12.65
C VAL B 183 -17.17 -14.34 12.49
N ASP B 184 -16.83 -15.61 12.37
CA ASP B 184 -17.79 -16.66 12.16
C ASP B 184 -17.98 -17.63 13.34
N ASN B 185 -17.36 -17.34 14.48
CA ASN B 185 -17.50 -18.23 15.63
C ASN B 185 -18.87 -18.09 16.30
N ALA B 186 -19.16 -18.95 17.28
CA ALA B 186 -20.45 -18.92 17.95
C ALA B 186 -20.78 -17.58 18.58
N GLY B 187 -19.79 -16.96 19.22
CA GLY B 187 -20.02 -15.68 19.89
C GLY B 187 -20.45 -14.54 18.97
N ALA B 188 -19.79 -14.42 17.83
CA ALA B 188 -20.11 -13.38 16.86
C ALA B 188 -21.51 -13.65 16.31
N LYS B 189 -21.79 -14.92 16.06
CA LYS B 189 -23.07 -15.36 15.54
C LYS B 189 -24.20 -14.97 16.51
N ALA B 190 -23.98 -15.19 17.80
CA ALA B 190 -24.97 -14.87 18.81
C ALA B 190 -25.18 -13.35 18.90
N GLY B 191 -24.09 -12.61 18.90
CA GLY B 191 -24.19 -11.16 18.97
C GLY B 191 -24.98 -10.54 17.84
N LEU B 192 -24.68 -10.95 16.61
CA LEU B 192 -25.38 -10.41 15.45
C LEU B 192 -26.84 -10.87 15.45
N THR B 193 -27.09 -12.07 15.95
CA THR B 193 -28.46 -12.58 16.00
C THR B 193 -29.25 -11.71 16.98
N PHE B 194 -28.62 -11.26 18.05
CA PHE B 194 -29.33 -10.40 18.99
C PHE B 194 -29.62 -9.04 18.35
N LEU B 195 -28.66 -8.56 17.54
CA LEU B 195 -28.81 -7.28 16.86
C LEU B 195 -29.94 -7.34 15.83
N VAL B 196 -29.97 -8.42 15.05
CA VAL B 196 -31.00 -8.60 14.03
C VAL B 196 -32.37 -8.73 14.68
N ASP B 197 -32.43 -9.43 15.81
CA ASP B 197 -33.69 -9.61 16.51
C ASP B 197 -34.26 -8.29 17.01
N LEU B 198 -33.38 -7.39 17.43
CA LEU B 198 -33.82 -6.08 17.91
C LEU B 198 -34.54 -5.38 16.76
N ILE B 199 -34.01 -5.54 15.56
CA ILE B 199 -34.61 -4.92 14.38
C ILE B 199 -35.92 -5.60 14.02
N LYS B 200 -35.92 -6.94 13.99
CA LYS B 200 -37.14 -7.69 13.67
C LYS B 200 -38.25 -7.34 14.63
N ASN B 201 -37.89 -7.18 15.90
CA ASN B 201 -38.83 -6.85 16.96
C ASN B 201 -39.13 -5.35 17.05
N LYS B 202 -38.71 -4.63 16.01
CA LYS B 202 -38.96 -3.18 15.93
C LYS B 202 -38.40 -2.31 17.05
N HIS B 203 -37.27 -2.68 17.63
CA HIS B 203 -36.67 -1.87 18.68
C HIS B 203 -35.63 -0.95 18.07
N MET B 204 -35.25 -1.27 16.84
CA MET B 204 -34.32 -0.49 16.06
C MET B 204 -34.68 -0.69 14.60
N ASN B 205 -34.24 0.25 13.76
CA ASN B 205 -34.50 0.20 12.32
C ASN B 205 -33.16 -0.08 11.64
N ALA B 206 -33.18 -1.00 10.68
CA ALA B 206 -31.97 -1.37 9.95
C ALA B 206 -31.32 -0.23 9.17
N ASP B 207 -32.09 0.83 8.91
CA ASP B 207 -31.61 1.97 8.15
C ASP B 207 -31.02 3.11 8.98
N THR B 208 -31.16 3.03 10.30
CA THR B 208 -30.65 4.09 11.16
C THR B 208 -29.15 4.26 10.97
N ASP B 209 -28.74 5.50 10.72
CA ASP B 209 -27.33 5.81 10.52
C ASP B 209 -26.84 6.84 11.55
N TYR B 210 -25.67 7.42 11.29
CA TYR B 210 -25.10 8.38 12.23
C TYR B 210 -25.97 9.62 12.47
N SER B 211 -26.33 10.30 11.40
CA SER B 211 -27.15 11.51 11.51
C SER B 211 -28.50 11.27 12.15
N ILE B 212 -29.16 10.18 11.76
CA ILE B 212 -30.48 9.85 12.30
C ILE B 212 -30.45 9.60 13.80
N ALA B 213 -29.48 8.82 14.24
CA ALA B 213 -29.34 8.49 15.65
C ALA B 213 -28.96 9.70 16.49
N GLU B 214 -28.07 10.53 15.96
CA GLU B 214 -27.64 11.72 16.68
C GLU B 214 -28.81 12.67 16.87
N ALA B 215 -29.57 12.88 15.80
CA ALA B 215 -30.73 13.77 15.86
C ALA B 215 -31.73 13.31 16.91
N ALA B 216 -32.07 12.03 16.90
CA ALA B 216 -33.04 11.48 17.85
C ALA B 216 -32.58 11.61 19.30
N PHE B 217 -31.30 11.35 19.57
CA PHE B 217 -30.84 11.48 20.95
C PHE B 217 -30.78 12.94 21.39
N ASN B 218 -30.19 13.79 20.56
CA ASN B 218 -30.05 15.20 20.91
C ASN B 218 -31.36 15.97 20.99
N LYS B 219 -32.41 15.44 20.37
CA LYS B 219 -33.72 16.08 20.44
C LYS B 219 -34.51 15.50 21.61
N GLY B 220 -33.95 14.47 22.25
CA GLY B 220 -34.61 13.84 23.38
C GLY B 220 -35.67 12.82 23.03
N GLU B 221 -35.59 12.23 21.83
CA GLU B 221 -36.56 11.25 21.37
C GLU B 221 -36.26 9.81 21.80
N THR B 222 -34.97 9.49 21.94
CA THR B 222 -34.52 8.16 22.36
C THR B 222 -33.70 8.34 23.65
N ALA B 223 -33.76 7.37 24.55
CA ALA B 223 -33.07 7.45 25.82
C ALA B 223 -31.61 7.10 25.81
N MET B 224 -31.15 6.41 24.78
CA MET B 224 -29.75 6.01 24.70
C MET B 224 -29.24 6.03 23.27
N THR B 225 -27.92 6.10 23.15
CA THR B 225 -27.25 6.05 21.86
C THR B 225 -25.85 5.53 22.15
N ILE B 226 -25.13 5.13 21.11
CA ILE B 226 -23.78 4.65 21.29
C ILE B 226 -22.91 5.53 20.43
N ASN B 227 -21.95 6.21 21.05
CA ASN B 227 -21.07 7.10 20.29
C ASN B 227 -19.78 7.41 21.04
N GLY B 228 -18.88 8.13 20.37
CA GLY B 228 -17.60 8.45 20.96
C GLY B 228 -17.41 9.88 21.43
N PRO B 229 -16.23 10.19 22.01
CA PRO B 229 -15.91 11.53 22.51
C PRO B 229 -16.12 12.64 21.48
N TRP B 230 -15.95 12.30 20.21
CA TRP B 230 -16.10 13.27 19.13
C TRP B 230 -17.52 13.84 19.01
N ALA B 231 -18.49 13.13 19.58
CA ALA B 231 -19.88 13.55 19.52
C ALA B 231 -20.39 14.30 20.74
N TRP B 232 -19.60 14.35 21.80
CA TRP B 232 -20.03 15.03 23.03
C TRP B 232 -20.37 16.51 22.81
N SER B 233 -19.59 17.18 21.97
CA SER B 233 -19.82 18.61 21.73
C SER B 233 -21.22 18.93 21.21
N ASN B 234 -21.74 18.12 20.30
CA ASN B 234 -23.07 18.37 19.78
C ASN B 234 -24.13 18.12 20.83
N ILE B 235 -23.88 17.17 21.73
CA ILE B 235 -24.85 16.90 22.78
C ILE B 235 -24.84 18.05 23.80
N ASP B 236 -23.68 18.66 24.02
CA ASP B 236 -23.58 19.79 24.96
C ASP B 236 -24.47 20.92 24.45
N THR B 237 -24.34 21.23 23.17
CA THR B 237 -25.11 22.29 22.54
C THR B 237 -26.61 22.02 22.63
N SER B 238 -27.00 20.75 22.49
CA SER B 238 -28.41 20.35 22.54
C SER B 238 -29.02 20.58 23.93
N LYS B 239 -28.16 20.66 24.94
CA LYS B 239 -28.58 20.88 26.33
C LYS B 239 -29.20 19.67 27.00
N VAL B 240 -29.24 18.53 26.31
CA VAL B 240 -29.78 17.30 26.89
C VAL B 240 -28.93 16.98 28.13
N ASN B 241 -29.56 16.57 29.23
CA ASN B 241 -28.82 16.22 30.44
C ASN B 241 -28.33 14.78 30.28
N TYR B 242 -27.23 14.63 29.55
CA TYR B 242 -26.69 13.30 29.26
C TYR B 242 -25.59 12.80 30.18
N GLY B 243 -25.38 11.48 30.11
CA GLY B 243 -24.36 10.81 30.90
C GLY B 243 -23.65 9.82 29.99
N VAL B 244 -22.42 9.45 30.33
CA VAL B 244 -21.63 8.51 29.54
C VAL B 244 -21.19 7.39 30.46
N THR B 245 -21.43 6.15 30.04
CA THR B 245 -21.12 5.02 30.91
C THR B 245 -20.70 3.76 30.16
N VAL B 246 -20.42 2.71 30.93
CA VAL B 246 -20.00 1.42 30.38
C VAL B 246 -21.09 0.86 29.47
N LEU B 247 -20.67 0.22 28.38
CA LEU B 247 -21.63 -0.38 27.44
C LEU B 247 -22.30 -1.58 28.11
N PRO B 248 -23.53 -1.93 27.68
CA PRO B 248 -24.21 -3.08 28.28
C PRO B 248 -23.47 -4.39 28.01
N THR B 249 -23.72 -5.38 28.85
CA THR B 249 -23.10 -6.68 28.67
C THR B 249 -24.02 -7.53 27.78
N PHE B 250 -23.49 -8.62 27.25
CA PHE B 250 -24.27 -9.54 26.43
C PHE B 250 -23.84 -10.94 26.87
N LYS B 251 -24.82 -11.79 27.20
CA LYS B 251 -24.51 -13.14 27.67
C LYS B 251 -23.54 -13.02 28.85
N GLY B 252 -23.70 -11.96 29.62
CA GLY B 252 -22.86 -11.71 30.78
C GLY B 252 -21.42 -11.31 30.47
N GLN B 253 -21.13 -11.03 29.21
CA GLN B 253 -19.77 -10.62 28.81
C GLN B 253 -19.80 -9.14 28.38
N PRO B 254 -18.74 -8.38 28.68
CA PRO B 254 -18.74 -6.97 28.29
C PRO B 254 -18.72 -6.78 26.78
N SER B 255 -19.30 -5.69 26.31
CA SER B 255 -19.26 -5.40 24.88
C SER B 255 -17.80 -5.05 24.66
N LYS B 256 -17.29 -5.32 23.47
CA LYS B 256 -15.89 -5.05 23.19
C LYS B 256 -15.72 -4.12 21.99
N PRO B 257 -15.82 -2.81 22.22
CA PRO B 257 -15.68 -1.85 21.13
C PRO B 257 -14.24 -1.80 20.69
N PHE B 258 -14.01 -1.40 19.44
CA PHE B 258 -12.66 -1.27 18.91
C PHE B 258 -11.99 -0.09 19.61
N VAL B 259 -10.67 -0.13 19.71
CA VAL B 259 -9.92 0.92 20.36
C VAL B 259 -8.94 1.61 19.42
N GLY B 260 -8.95 2.94 19.47
CA GLY B 260 -8.07 3.76 18.65
C GLY B 260 -7.15 4.50 19.60
N VAL B 261 -5.85 4.33 19.42
CA VAL B 261 -4.85 4.97 20.29
C VAL B 261 -4.05 6.03 19.55
N LEU B 262 -4.30 7.31 19.85
CA LEU B 262 -3.55 8.39 19.21
C LEU B 262 -2.10 8.12 19.60
N SER B 263 -1.22 7.99 18.60
CA SER B 263 0.18 7.69 18.89
C SER B 263 1.15 8.62 18.17
N ALA B 264 2.38 8.65 18.66
CA ALA B 264 3.42 9.50 18.08
C ALA B 264 4.57 8.64 17.56
N GLY B 265 4.76 8.64 16.24
CA GLY B 265 5.84 7.86 15.66
C GLY B 265 6.99 8.73 15.21
N ILE B 266 8.18 8.12 15.08
CA ILE B 266 9.36 8.87 14.65
C ILE B 266 9.72 8.44 13.23
N ASN B 267 9.88 9.43 12.36
CA ASN B 267 10.23 9.19 10.96
C ASN B 267 11.54 8.41 10.88
N ALA B 268 11.56 7.36 10.06
CA ALA B 268 12.76 6.54 9.88
C ALA B 268 13.88 7.36 9.23
N ALA B 269 13.50 8.40 8.49
CA ALA B 269 14.47 9.25 7.80
C ALA B 269 14.98 10.38 8.69
N SER B 270 14.39 10.55 9.86
CA SER B 270 14.79 11.63 10.76
C SER B 270 16.23 11.51 11.29
N PRO B 271 17.00 12.60 11.21
CA PRO B 271 18.37 12.59 11.71
C PRO B 271 18.34 13.08 13.17
N ASN B 272 17.13 13.23 13.70
CA ASN B 272 16.94 13.71 15.06
C ASN B 272 16.20 12.73 15.98
N LYS B 273 16.48 11.44 15.84
CA LYS B 273 15.78 10.44 16.64
C LYS B 273 15.96 10.55 18.16
N GLU B 274 17.14 10.95 18.63
CA GLU B 274 17.31 11.05 20.08
C GLU B 274 16.64 12.31 20.62
N LEU B 275 16.57 13.35 19.80
CA LEU B 275 15.90 14.58 20.20
C LEU B 275 14.40 14.26 20.31
N ALA B 276 13.90 13.49 19.36
CA ALA B 276 12.49 13.09 19.35
C ALA B 276 12.14 12.25 20.58
N LYS B 277 13.03 11.33 20.94
CA LYS B 277 12.81 10.48 22.10
C LYS B 277 12.79 11.30 23.37
N GLU B 278 13.74 12.23 23.47
CA GLU B 278 13.84 13.09 24.64
C GLU B 278 12.58 13.95 24.79
N PHE B 279 12.14 14.55 23.70
CA PHE B 279 10.94 15.39 23.70
C PHE B 279 9.69 14.60 24.06
N LEU B 280 9.49 13.45 23.42
CA LEU B 280 8.30 12.65 23.68
C LEU B 280 8.24 12.06 25.08
N GLU B 281 9.33 11.42 25.50
CA GLU B 281 9.38 10.77 26.80
C GLU B 281 9.48 11.69 28.00
N ASN B 282 10.27 12.73 27.89
CA ASN B 282 10.47 13.61 29.04
C ASN B 282 9.82 14.99 28.99
N TYR B 283 9.07 15.28 27.94
CA TYR B 283 8.37 16.55 27.85
C TYR B 283 6.90 16.37 27.57
N LEU B 284 6.56 15.71 26.47
CA LEU B 284 5.16 15.52 26.12
C LEU B 284 4.44 14.51 27.01
N LEU B 285 4.98 13.30 27.13
CA LEU B 285 4.35 12.28 27.97
C LEU B 285 4.61 12.45 29.45
N THR B 286 4.17 13.59 29.98
CA THR B 286 4.29 13.93 31.38
C THR B 286 2.96 14.56 31.75
N ASP B 287 2.69 14.75 33.04
CA ASP B 287 1.43 15.38 33.44
C ASP B 287 1.36 16.79 32.88
N GLU B 288 2.48 17.49 32.92
CA GLU B 288 2.55 18.87 32.43
C GLU B 288 2.34 18.95 30.92
N GLY B 289 3.01 18.07 30.19
CA GLY B 289 2.92 18.07 28.74
C GLY B 289 1.54 17.76 28.22
N LEU B 290 0.95 16.67 28.72
CA LEU B 290 -0.38 16.26 28.29
C LEU B 290 -1.43 17.29 28.66
N GLU B 291 -1.29 17.91 29.83
CA GLU B 291 -2.26 18.92 30.26
C GLU B 291 -2.23 20.10 29.31
N ALA B 292 -1.03 20.46 28.86
CA ALA B 292 -0.85 21.58 27.93
C ALA B 292 -1.66 21.32 26.65
N VAL B 293 -1.55 20.11 26.12
CA VAL B 293 -2.27 19.75 24.91
C VAL B 293 -3.77 19.69 25.19
N ASN B 294 -4.11 19.07 26.32
CA ASN B 294 -5.50 18.89 26.74
C ASN B 294 -6.29 20.18 26.88
N LYS B 295 -5.69 21.22 27.46
CA LYS B 295 -6.43 22.47 27.62
C LYS B 295 -6.69 23.18 26.28
N ASP B 296 -5.93 22.82 25.26
CA ASP B 296 -6.13 23.39 23.93
C ASP B 296 -7.34 22.67 23.35
N LYS B 297 -7.22 21.35 23.18
CA LYS B 297 -8.29 20.49 22.67
C LYS B 297 -8.21 19.21 23.49
N PRO B 298 -9.33 18.82 24.15
CA PRO B 298 -9.34 17.61 24.97
C PRO B 298 -8.82 16.34 24.29
N LEU B 299 -7.94 15.63 24.98
CA LEU B 299 -7.37 14.39 24.45
C LEU B 299 -8.29 13.22 24.79
N GLY B 300 -9.25 13.46 25.67
CA GLY B 300 -10.15 12.39 26.09
C GLY B 300 -9.35 11.61 27.12
N ALA B 301 -9.40 10.28 27.06
CA ALA B 301 -8.65 9.44 27.99
C ALA B 301 -7.21 9.32 27.50
N VAL B 302 -6.25 9.34 28.42
CA VAL B 302 -4.83 9.25 28.07
C VAL B 302 -4.16 7.95 28.50
N ALA B 303 -3.05 7.63 27.84
CA ALA B 303 -2.31 6.41 28.12
C ALA B 303 -1.44 6.54 29.39
N LEU B 304 -1.07 7.76 29.74
CA LEU B 304 -0.25 8.00 30.94
C LEU B 304 -1.10 7.86 32.20
N LYS B 305 -0.80 6.84 33.01
CA LYS B 305 -1.56 6.58 34.23
C LYS B 305 -1.76 7.76 35.16
N SER B 306 -0.66 8.42 35.54
CA SER B 306 -0.72 9.56 36.45
C SER B 306 -1.74 10.63 36.06
N TYR B 307 -1.73 11.03 34.80
CA TYR B 307 -2.66 12.06 34.34
C TYR B 307 -4.08 11.51 34.15
N GLU B 308 -4.21 10.28 33.64
CA GLU B 308 -5.52 9.70 33.44
C GLU B 308 -6.29 9.59 34.76
N GLU B 309 -5.57 9.34 35.84
CA GLU B 309 -6.20 9.22 37.16
C GLU B 309 -6.86 10.52 37.58
N GLU B 310 -6.35 11.64 37.06
CA GLU B 310 -6.92 12.94 37.38
C GLU B 310 -8.09 13.20 36.43
N LEU B 311 -7.89 12.90 35.15
CA LEU B 311 -8.92 13.11 34.14
C LEU B 311 -10.16 12.24 34.38
N ALA B 312 -9.94 11.04 34.90
CA ALA B 312 -11.00 10.08 35.17
C ALA B 312 -12.05 10.62 36.16
N LYS B 313 -11.75 11.75 36.77
CA LYS B 313 -12.68 12.38 37.71
C LYS B 313 -13.92 12.81 36.94
N ASP B 314 -13.77 12.94 35.62
CA ASP B 314 -14.89 13.28 34.74
C ASP B 314 -15.43 11.89 34.40
N PRO B 315 -16.65 11.57 34.86
CA PRO B 315 -17.21 10.25 34.56
C PRO B 315 -17.22 9.84 33.09
N ARG B 316 -17.38 10.82 32.19
CA ARG B 316 -17.40 10.51 30.76
C ARG B 316 -16.04 9.95 30.32
N ILE B 317 -14.96 10.51 30.84
CA ILE B 317 -13.61 10.05 30.51
C ILE B 317 -13.37 8.68 31.12
N ALA B 318 -13.76 8.53 32.39
CA ALA B 318 -13.61 7.25 33.06
C ALA B 318 -14.34 6.17 32.28
N ALA B 319 -15.50 6.49 31.73
CA ALA B 319 -16.27 5.52 30.93
C ALA B 319 -15.54 5.13 29.66
N THR B 320 -14.97 6.11 28.97
CA THR B 320 -14.24 5.86 27.74
C THR B 320 -13.10 4.88 27.98
N MET B 321 -12.34 5.10 29.05
CA MET B 321 -11.22 4.23 29.36
C MET B 321 -11.71 2.84 29.80
N GLU B 322 -12.82 2.80 30.54
CA GLU B 322 -13.34 1.51 30.99
C GLU B 322 -13.76 0.66 29.80
N ASN B 323 -14.48 1.27 28.85
CA ASN B 323 -14.93 0.54 27.68
C ASN B 323 -13.76 0.11 26.80
N ALA B 324 -12.75 0.96 26.73
CA ALA B 324 -11.56 0.66 25.92
C ALA B 324 -10.80 -0.54 26.48
N GLN B 325 -10.62 -0.59 27.81
CA GLN B 325 -9.89 -1.70 28.42
C GLN B 325 -10.65 -3.02 28.23
N LYS B 326 -11.96 -2.92 28.01
CA LYS B 326 -12.78 -4.11 27.81
C LYS B 326 -12.92 -4.41 26.33
N GLY B 327 -12.40 -3.50 25.51
CA GLY B 327 -12.49 -3.64 24.07
C GLY B 327 -11.35 -4.35 23.37
N GLU B 328 -11.30 -4.18 22.05
CA GLU B 328 -10.30 -4.79 21.19
C GLU B 328 -9.53 -3.73 20.40
N ILE B 329 -8.22 -3.72 20.56
CA ILE B 329 -7.37 -2.76 19.86
C ILE B 329 -7.55 -2.99 18.36
N MET B 330 -7.81 -1.94 17.59
CA MET B 330 -7.97 -2.13 16.15
C MET B 330 -6.67 -2.71 15.56
N PRO B 331 -6.77 -3.81 14.82
CA PRO B 331 -5.55 -4.38 14.24
C PRO B 331 -4.93 -3.43 13.22
N ASN B 332 -3.61 -3.31 13.23
CA ASN B 332 -2.92 -2.42 12.31
C ASN B 332 -2.34 -3.12 11.08
N ILE B 333 -2.70 -4.39 10.88
CA ILE B 333 -2.20 -5.13 9.75
C ILE B 333 -3.01 -4.82 8.49
N PRO B 334 -2.42 -5.05 7.30
CA PRO B 334 -3.09 -4.78 6.02
C PRO B 334 -4.39 -5.54 5.80
N GLN B 335 -4.53 -6.69 6.44
CA GLN B 335 -5.74 -7.51 6.30
C GLN B 335 -6.97 -6.88 6.96
N MET B 336 -6.78 -5.86 7.79
CA MET B 336 -7.91 -5.24 8.48
C MET B 336 -8.88 -4.59 7.48
N SER B 337 -8.36 -4.16 6.33
CA SER B 337 -9.19 -3.56 5.30
C SER B 337 -10.25 -4.55 4.80
N ALA B 338 -9.85 -5.81 4.66
CA ALA B 338 -10.77 -6.84 4.20
C ALA B 338 -11.86 -7.06 5.26
N PHE B 339 -11.43 -7.03 6.53
CA PHE B 339 -12.36 -7.22 7.65
C PHE B 339 -13.45 -6.16 7.67
N TRP B 340 -13.07 -4.89 7.60
CA TRP B 340 -14.03 -3.79 7.62
C TRP B 340 -15.14 -3.97 6.57
N TYR B 341 -14.77 -4.11 5.31
CA TYR B 341 -15.76 -4.25 4.25
C TYR B 341 -16.57 -5.55 4.31
N ALA B 342 -15.92 -6.67 4.63
CA ALA B 342 -16.60 -7.96 4.72
C ALA B 342 -17.64 -7.93 5.85
N VAL B 343 -17.25 -7.40 7.00
CA VAL B 343 -18.18 -7.32 8.14
C VAL B 343 -19.28 -6.30 7.87
N ARG B 344 -18.94 -5.22 7.18
CA ARG B 344 -19.94 -4.18 6.89
C ARG B 344 -21.07 -4.80 6.07
N THR B 345 -20.69 -5.61 5.10
CA THR B 345 -21.66 -6.28 4.24
C THR B 345 -22.48 -7.29 5.03
N ALA B 346 -21.80 -8.09 5.84
CA ALA B 346 -22.46 -9.10 6.66
C ALA B 346 -23.58 -8.48 7.50
N VAL B 347 -23.27 -7.40 8.20
CA VAL B 347 -24.27 -6.75 9.04
C VAL B 347 -25.48 -6.21 8.26
N ILE B 348 -25.22 -5.53 7.14
CA ILE B 348 -26.32 -5.00 6.35
C ILE B 348 -27.18 -6.13 5.78
N ASN B 349 -26.53 -7.17 5.26
CA ASN B 349 -27.25 -8.31 4.71
C ASN B 349 -28.09 -9.02 5.78
N ALA B 350 -27.51 -9.13 6.98
CA ALA B 350 -28.21 -9.79 8.09
C ALA B 350 -29.36 -8.95 8.61
N ALA B 351 -29.14 -7.64 8.69
CA ALA B 351 -30.15 -6.71 9.17
C ALA B 351 -31.27 -6.49 8.16
N SER B 352 -30.99 -6.77 6.89
CA SER B 352 -31.98 -6.58 5.83
C SER B 352 -32.62 -7.91 5.42
N GLY B 353 -32.06 -9.01 5.92
CA GLY B 353 -32.60 -10.31 5.57
C GLY B 353 -32.07 -10.90 4.28
N ARG B 354 -31.19 -10.18 3.59
CA ARG B 354 -30.63 -10.67 2.34
C ARG B 354 -29.90 -11.99 2.57
N GLN B 355 -29.38 -12.14 3.78
CA GLN B 355 -28.66 -13.34 4.18
C GLN B 355 -29.00 -13.65 5.62
N THR B 356 -28.91 -14.91 6.00
CA THR B 356 -29.17 -15.28 7.39
C THR B 356 -27.90 -14.85 8.13
N VAL B 357 -27.95 -14.83 9.45
CA VAL B 357 -26.78 -14.45 10.24
C VAL B 357 -25.64 -15.45 10.04
N ASP B 358 -25.97 -16.74 10.03
CA ASP B 358 -24.94 -17.76 9.85
C ASP B 358 -24.23 -17.66 8.50
N GLU B 359 -25.00 -17.41 7.43
CA GLU B 359 -24.41 -17.28 6.10
C GLU B 359 -23.64 -15.96 5.95
N ALA B 360 -24.21 -14.87 6.47
CA ALA B 360 -23.55 -13.57 6.37
C ALA B 360 -22.15 -13.62 6.97
N LEU B 361 -22.07 -14.16 8.18
CA LEU B 361 -20.79 -14.25 8.88
C LEU B 361 -19.86 -15.30 8.28
N LYS B 362 -20.42 -16.41 7.81
CA LYS B 362 -19.61 -17.47 7.21
C LYS B 362 -18.91 -16.93 5.96
N ASP B 363 -19.65 -16.17 5.15
CA ASP B 363 -19.08 -15.59 3.94
C ASP B 363 -18.00 -14.57 4.28
N ALA B 364 -18.25 -13.76 5.30
CA ALA B 364 -17.28 -12.75 5.72
C ALA B 364 -16.00 -13.43 6.18
N GLN B 365 -16.14 -14.45 7.02
CA GLN B 365 -15.01 -15.20 7.55
C GLN B 365 -14.13 -15.70 6.40
N THR B 366 -14.78 -16.28 5.39
CA THR B 366 -14.07 -16.80 4.24
C THR B 366 -13.35 -15.70 3.44
N ARG B 367 -14.05 -14.61 3.15
CA ARG B 367 -13.44 -13.51 2.40
C ARG B 367 -12.19 -12.97 3.08
N ILE B 368 -12.25 -12.89 4.41
CA ILE B 368 -11.14 -12.36 5.21
C ILE B 368 -9.95 -13.30 5.36
N THR B 369 -10.20 -14.60 5.45
CA THR B 369 -9.12 -15.57 5.60
C THR B 369 -8.38 -15.85 4.31
N LYS B 370 -7.45 -14.96 3.96
CA LYS B 370 -6.65 -15.08 2.75
C LYS B 370 -5.27 -14.47 2.96
C1 GLO C . 8.46 4.38 -22.17
C2 GLO C . 7.91 2.97 -22.21
C3 GLO C . 6.89 2.77 -23.32
C4 GLO C . 6.13 1.45 -23.15
C5 GLO C . 5.06 1.26 -24.22
C6 GLO C . 4.14 2.45 -24.41
O1 GLO C . 7.51 5.29 -21.65
O2 GLO C . 8.97 2.04 -22.35
O3 GLO C . 7.54 2.79 -24.58
O4 GLO C . 7.06 0.35 -23.24
O5 GLO C . 5.67 0.91 -25.45
O6 GLO C . 3.10 2.14 -25.32
C1 GLC C . 6.75 -0.84 -22.58
C2 GLC C . 8.04 -1.58 -22.22
C3 GLC C . 8.60 -2.32 -23.45
C4 GLC C . 7.53 -3.15 -24.14
C5 GLC C . 6.29 -2.31 -24.41
C6 GLC C . 5.13 -3.10 -24.98
O2 GLC C . 9.00 -0.64 -21.75
O3 GLC C . 9.66 -3.17 -23.04
O4 GLC C . 8.04 -3.64 -25.40
O5 GLC C . 5.82 -1.73 -23.18
O6 GLC C . 4.16 -2.24 -25.53
C1 GLC C . 8.48 -4.96 -25.41
C2 GLC C . 9.73 -5.08 -26.30
C3 GLC C . 9.33 -4.80 -27.74
C4 GLC C . 8.22 -5.77 -28.19
C5 GLC C . 7.03 -5.69 -27.22
C6 GLC C . 6.00 -6.79 -27.51
O2 GLC C . 10.69 -4.13 -25.87
O3 GLC C . 10.46 -4.93 -28.59
O4 GLC C . 7.78 -5.43 -29.52
O5 GLC C . 7.47 -5.88 -25.86
O6 GLC C . 4.68 -6.38 -27.18
C1 GLC C . 8.08 -6.36 -30.52
C2 GLC C . 8.80 -5.66 -31.68
C3 GLC C . 7.86 -4.66 -32.36
C4 GLC C . 6.60 -5.39 -32.84
C5 GLC C . 5.94 -6.11 -31.66
C6 GLC C . 4.76 -6.96 -32.08
O2 GLC C . 9.95 -4.99 -31.21
O3 GLC C . 8.50 -4.05 -33.47
O4 GLC C . 5.68 -4.46 -33.40
O5 GLC C . 6.90 -7.00 -31.02
O6 GLC C . 3.80 -7.07 -31.03
C1 GLO D . -12.86 12.54 14.60
C2 GLO D . -13.52 11.18 14.69
C3 GLO D . -14.60 10.96 13.62
C4 GLO D . -15.43 9.71 13.93
C5 GLO D . -16.61 9.56 12.98
C6 GLO D . -17.79 8.86 13.62
O1 GLO D . -13.77 13.57 14.99
O2 GLO D . -12.53 10.17 14.59
O3 GLO D . -13.98 10.81 12.33
O4 GLO D . -14.59 8.54 13.83
O5 GLO D . -17.01 10.84 12.52
O6 GLO D . -18.49 8.05 12.69
C1 GLC D . -14.80 7.44 14.66
C2 GLC D . -13.50 6.76 15.08
C3 GLC D . -12.89 5.96 13.92
C4 GLC D . -13.93 5.05 13.28
C5 GLC D . -15.19 5.82 12.92
C6 GLC D . -16.31 4.96 12.37
O2 GLC D . -12.58 7.73 15.51
O3 GLC D . -11.81 5.18 14.41
O4 GLC D . -13.38 4.46 12.08
O5 GLC D . -15.70 6.49 14.09
O6 GLC D . -17.35 5.74 11.79
C1 GLC D . -12.87 3.16 12.25
C2 GLC D . -11.57 3.02 11.47
C3 GLC D . -11.85 3.09 9.98
C4 GLC D . -12.94 2.09 9.55
C5 GLC D . -14.18 2.20 10.45
C6 GLC D . -15.16 1.06 10.22
O2 GLC D . -10.68 4.06 11.83
O3 GLC D . -10.66 2.83 9.25
O4 GLC D . -13.33 2.39 8.20
O5 GLC D . -13.81 2.17 11.84
O6 GLC D . -16.50 1.48 10.42
C1 GLC D . -12.92 1.46 7.24
C2 GLC D . -12.13 2.17 6.13
C3 GLC D . -13.04 3.16 5.40
C4 GLC D . -14.29 2.45 4.88
C5 GLC D . -14.97 1.67 6.00
C6 GLC D . -16.13 0.81 5.51
O2 GLC D . -11.04 2.87 6.71
O3 GLC D . -12.33 3.74 4.32
O4 GLC D . -15.19 3.39 4.33
O5 GLC D . -14.03 0.79 6.65
O6 GLC D . -17.04 0.51 6.55
#